data_2LK1
#
_entry.id   2LK1
#
loop_
_entity.id
_entity.type
_entity.pdbx_description
1 polymer 'RNA-binding protein 5'
2 non-polymer '9,10-dioxo-9,10-dihydroanthracene-2-sulfonic acid'
3 non-polymer 'ZINC ION'
#
_entity_poly.entity_id   1
_entity_poly.type   'polypeptide(L)'
_entity_poly.pdbx_seq_one_letter_code
;(ACE)KFEDWLCNKCCLNNFRKRLKCFRCGADKFD(NH2)
;
_entity_poly.pdbx_strand_id   A
#
loop_
_chem_comp.id
_chem_comp.type
_chem_comp.name
_chem_comp.formula
ACE non-polymer 'ACETYL GROUP' 'C2 H4 O'
AQN non-polymer '9,10-dioxo-9,10-dihydroanthracene-2-sulfonic acid' 'C14 H8 O5 S'
NH2 non-polymer 'AMINO GROUP' 'H2 N'
ZN non-polymer 'ZINC ION' 'Zn 2'
#
# COMPACT_ATOMS: atom_id res chain seq x y z
C ACE A 1 -7.65 13.56 5.17
O ACE A 1 -7.25 13.20 6.29
CH3 ACE A 1 -7.46 14.98 4.72
H1 ACE A 1 -8.41 15.45 4.52
H2 ACE A 1 -6.86 15.00 3.80
H3 ACE A 1 -6.93 15.53 5.50
N LYS A 2 -8.29 12.77 4.29
CA LYS A 2 -8.54 11.37 4.63
C LYS A 2 -7.31 10.54 4.35
N PHE A 3 -6.38 10.42 5.33
CA PHE A 3 -5.27 9.50 5.17
C PHE A 3 -5.66 8.13 5.65
N GLU A 4 -6.70 7.52 5.03
CA GLU A 4 -7.06 6.15 5.36
C GLU A 4 -6.04 5.25 4.69
N ASP A 5 -4.85 5.10 5.31
CA ASP A 5 -3.80 4.30 4.71
C ASP A 5 -4.27 2.89 4.46
N TRP A 6 -3.53 2.08 3.67
CA TRP A 6 -3.97 0.72 3.34
C TRP A 6 -2.84 -0.25 3.60
N LEU A 7 -3.17 -1.55 3.74
CA LEU A 7 -2.16 -2.53 4.13
C LEU A 7 -1.87 -3.40 2.93
N CYS A 8 -0.60 -3.47 2.46
CA CYS A 8 -0.31 -4.23 1.25
C CYS A 8 -0.66 -5.69 1.49
N ASN A 9 -1.04 -6.43 0.43
CA ASN A 9 -1.37 -7.85 0.61
C ASN A 9 -0.24 -8.69 0.05
N LYS A 10 1.00 -8.18 0.20
CA LYS A 10 2.18 -8.81 -0.40
C LYS A 10 3.28 -8.76 0.64
N CYS A 11 3.68 -7.56 1.14
CA CYS A 11 4.61 -7.46 2.27
C CYS A 11 3.94 -6.98 3.55
N CYS A 12 2.60 -6.81 3.62
CA CYS A 12 1.96 -6.50 4.89
C CYS A 12 2.37 -5.18 5.52
N LEU A 13 2.79 -4.19 4.71
CA LEU A 13 3.25 -2.90 5.25
C LEU A 13 2.15 -1.87 5.07
N ASN A 14 1.78 -1.12 6.12
CA ASN A 14 0.83 0.00 5.97
C ASN A 14 1.39 1.11 5.08
N ASN A 15 0.86 1.35 3.86
CA ASN A 15 1.37 2.43 3.01
C ASN A 15 0.36 3.54 2.89
N PHE A 16 0.79 4.81 2.68
CA PHE A 16 -0.16 5.91 2.66
C PHE A 16 -1.25 5.73 1.63
N ARG A 17 -2.38 6.46 1.83
CA ARG A 17 -3.45 6.42 0.83
C ARG A 17 -3.06 7.13 -0.42
N LYS A 18 -2.41 8.32 -0.31
CA LYS A 18 -1.99 9.01 -1.52
C LYS A 18 -1.21 8.05 -2.42
N ARG A 19 -0.43 7.12 -1.81
CA ARG A 19 0.36 6.21 -2.63
C ARG A 19 -0.55 5.15 -3.20
N LEU A 20 -0.74 5.13 -4.54
CA LEU A 20 -1.48 4.04 -5.16
C LEU A 20 -0.69 2.76 -5.04
N LYS A 21 0.67 2.83 -5.07
CA LYS A 21 1.48 1.61 -5.01
C LYS A 21 2.18 1.47 -3.68
N CYS A 22 2.65 0.24 -3.37
CA CYS A 22 3.29 0.02 -2.08
C CYS A 22 4.62 0.72 -2.10
N PHE A 23 5.14 1.12 -0.90
CA PHE A 23 6.45 1.76 -0.83
C PHE A 23 7.45 0.79 -0.25
N ARG A 24 7.41 -0.46 -0.76
CA ARG A 24 8.40 -1.47 -0.39
C ARG A 24 8.53 -2.43 -1.56
N CYS A 25 7.43 -3.12 -1.99
CA CYS A 25 7.48 -3.99 -3.16
C CYS A 25 6.86 -3.37 -4.40
N GLY A 26 6.42 -2.08 -4.39
CA GLY A 26 5.86 -1.49 -5.60
C GLY A 26 4.60 -2.14 -6.11
N ALA A 27 3.98 -3.10 -5.38
CA ALA A 27 2.82 -3.78 -5.93
C ALA A 27 1.57 -2.98 -5.63
N ASP A 28 0.69 -2.76 -6.63
CA ASP A 28 -0.52 -2.00 -6.37
C ASP A 28 -1.42 -2.70 -5.37
N LYS A 29 -2.35 -1.95 -4.77
CA LYS A 29 -3.33 -2.55 -3.85
C LYS A 29 -4.02 -3.71 -4.52
N PHE A 30 -4.24 -3.66 -5.87
CA PHE A 30 -4.95 -4.73 -6.56
C PHE A 30 -4.00 -5.53 -7.42
N ASP A 31 -2.79 -5.82 -6.91
CA ASP A 31 -1.82 -6.61 -7.69
C ASP A 31 -0.89 -7.30 -6.69
N NH2 A 32 -0.48 -8.56 -6.95
HN1 NH2 A 32 0.12 -9.03 -6.31
HN2 NH2 A 32 -0.78 -9.06 -7.77
C1 AQN B . 5.18 6.11 3.46
C2 AQN B . 5.19 6.18 4.86
C3 AQN B . 4.11 5.52 5.67
O3 AQN B . 3.17 4.97 5.11
C4 AQN B . 4.18 5.52 7.18
C5 AQN B . 3.20 4.89 7.94
C6 AQN B . 3.28 4.88 9.34
C7 AQN B . 4.35 5.52 9.98
C8 AQN B . 5.32 6.17 9.22
C9 AQN B . 5.24 6.18 7.82
C10 AQN B . 6.29 6.90 7.01
O10 AQN B . 7.20 7.49 7.57
C11 AQN B . 6.22 6.89 5.50
C12 AQN B . 7.17 7.57 4.74
C13 AQN B . 7.08 7.59 3.34
C14 AQN B . 6.08 6.86 2.70
S15 AQN B . 5.93 6.92 0.93
OS1 AQN B . 7.24 7.16 0.35
OS2 AQN B . 5.14 5.79 0.50
OS3 AQN B . 5.11 8.16 0.73
H1 AQN B . 4.45 5.48 2.96
H5 AQN B . 2.36 4.39 7.46
H6 AQN B . 2.52 4.38 9.93
H7 AQN B . 4.42 5.51 11.05
H8 AQN B . 6.14 6.67 9.73
H12 AQN B . 7.97 8.12 5.23
H13 AQN B . 7.81 8.15 2.76
ZN ZN C . 4.01 -4.17 -0.39
C ACE A 1 -9.93 12.24 3.12
O ACE A 1 -10.95 11.59 2.86
CH3 ACE A 1 -9.72 13.59 2.47
H1 ACE A 1 -8.80 13.58 1.88
H2 ACE A 1 -9.63 14.36 3.24
H3 ACE A 1 -10.57 13.81 1.83
N LYS A 2 -8.95 11.85 3.95
CA LYS A 2 -9.00 10.57 4.64
C LYS A 2 -7.77 9.78 4.26
N PHE A 3 -6.65 9.87 5.02
CA PHE A 3 -5.44 9.13 4.68
C PHE A 3 -5.48 7.77 5.34
N GLU A 4 -6.53 6.98 5.06
CA GLU A 4 -6.73 5.73 5.79
C GLU A 4 -5.79 4.67 5.28
N ASP A 5 -4.53 4.67 5.79
CA ASP A 5 -3.54 3.67 5.41
C ASP A 5 -4.07 2.26 5.25
N TRP A 6 -3.35 1.39 4.51
CA TRP A 6 -3.84 0.03 4.25
C TRP A 6 -2.75 -0.98 4.44
N LEU A 7 -3.12 -2.26 4.66
CA LEU A 7 -2.15 -3.28 5.06
C LEU A 7 -1.85 -4.15 3.87
N CYS A 8 -0.57 -4.27 3.44
CA CYS A 8 -0.29 -4.93 2.17
C CYS A 8 -0.64 -6.39 2.23
N ASN A 9 -0.98 -6.99 1.06
CA ASN A 9 -1.29 -8.41 1.00
C ASN A 9 -0.11 -9.21 0.49
N LYS A 10 1.12 -8.68 0.67
CA LYS A 10 2.32 -9.37 0.22
C LYS A 10 3.33 -9.37 1.36
N CYS A 11 3.73 -8.18 1.86
CA CYS A 11 4.69 -8.09 2.96
C CYS A 11 4.04 -7.64 4.25
N CYS A 12 2.70 -7.49 4.31
CA CYS A 12 2.05 -7.13 5.57
C CYS A 12 2.47 -5.79 6.14
N LEU A 13 3.06 -4.86 5.35
CA LEU A 13 3.40 -3.55 5.88
C LEU A 13 2.18 -2.66 5.82
N ASN A 14 2.04 -1.70 6.76
CA ASN A 14 0.94 -0.75 6.68
C ASN A 14 1.41 0.41 5.84
N ASN A 15 0.72 0.79 4.73
CA ASN A 15 1.24 1.82 3.84
C ASN A 15 0.28 2.97 3.76
N PHE A 16 0.75 4.21 3.54
CA PHE A 16 -0.17 5.33 3.49
C PHE A 16 -1.21 5.15 2.40
N ARG A 17 -2.35 5.85 2.56
CA ARG A 17 -3.44 5.69 1.60
C ARG A 17 -3.14 6.44 0.33
N LYS A 18 -2.47 7.61 0.43
CA LYS A 18 -2.04 8.29 -0.78
C LYS A 18 -1.16 7.34 -1.57
N ARG A 19 -0.32 6.54 -0.90
CA ARG A 19 0.52 5.63 -1.66
C ARG A 19 -0.36 4.63 -2.36
N LEU A 20 -0.59 4.79 -3.69
CA LEU A 20 -1.34 3.77 -4.41
C LEU A 20 -0.63 2.43 -4.40
N LYS A 21 0.70 2.36 -4.18
CA LYS A 21 1.40 1.09 -4.21
C LYS A 21 2.13 0.92 -2.90
N CYS A 22 2.56 -0.33 -2.58
CA CYS A 22 3.23 -0.52 -1.31
C CYS A 22 4.59 0.14 -1.35
N PHE A 23 5.13 0.59 -0.19
CA PHE A 23 6.46 1.17 -0.13
C PHE A 23 7.42 0.17 0.48
N ARG A 24 7.29 -1.11 0.08
CA ARG A 24 8.25 -2.15 0.46
C ARG A 24 8.44 -3.05 -0.74
N CYS A 25 7.35 -3.70 -1.22
CA CYS A 25 7.44 -4.57 -2.40
C CYS A 25 6.92 -3.93 -3.66
N GLY A 26 6.39 -2.68 -3.64
CA GLY A 26 5.92 -2.08 -4.87
C GLY A 26 4.70 -2.75 -5.46
N ALA A 27 4.01 -3.66 -4.75
CA ALA A 27 2.80 -4.26 -5.29
C ALA A 27 1.64 -3.33 -4.96
N ASP A 28 0.49 -3.49 -5.63
CA ASP A 28 -0.66 -2.66 -5.31
C ASP A 28 -1.56 -3.41 -4.35
N LYS A 29 -2.23 -2.74 -3.40
CA LYS A 29 -3.15 -3.46 -2.53
C LYS A 29 -4.12 -4.29 -3.34
N PHE A 30 -4.44 -3.91 -4.60
CA PHE A 30 -5.44 -4.62 -5.38
C PHE A 30 -4.77 -5.23 -6.59
N ASP A 31 -3.48 -5.63 -6.48
CA ASP A 31 -2.78 -6.25 -7.59
C ASP A 31 -2.63 -5.31 -8.79
N NH2 A 32 -3.71 -4.92 -9.50
HN1 NH2 A 32 -3.61 -4.31 -10.28
HN2 NH2 A 32 -4.63 -5.26 -9.28
C1 AQN B . 5.42 5.53 3.97
C2 AQN B . 5.56 5.32 5.34
C3 AQN B . 4.61 4.56 6.01
O3 AQN B . 3.63 4.13 5.38
C4 AQN B . 4.78 4.29 7.38
C5 AQN B . 3.85 3.50 8.08
C6 AQN B . 4.04 3.20 9.44
C7 AQN B . 5.16 3.70 10.11
C8 AQN B . 6.07 4.50 9.42
C9 AQN B . 5.88 4.80 8.06
C10 AQN B . 6.81 5.62 7.40
O10 AQN B . 7.78 6.10 8.02
C11 AQN B . 6.63 5.90 6.04
C12 AQN B . 7.52 6.73 5.37
C13 AQN B . 7.34 7.00 4.01
C14 AQN B . 6.29 6.41 3.31
S15 AQN B . 5.99 6.78 1.60
OS1 AQN B . 5.72 5.49 0.98
OS2 AQN B . 4.84 7.67 1.61
OS3 AQN B . 7.22 7.41 1.14
H1 AQN B . 4.64 5.05 3.40
H5 AQN B . 2.99 3.12 7.56
H6 AQN B . 3.33 2.59 9.96
H7 AQN B . 5.32 3.48 11.16
H8 AQN B . 6.93 4.90 9.95
H12 AQN B . 8.38 7.17 5.89
H13 AQN B . 8.02 7.67 3.50
ZN ZN C . 4.00 -4.73 0.32
C ACE A 1 -9.59 12.20 4.51
O ACE A 1 -8.99 12.21 5.59
CH3 ACE A 1 -9.83 13.47 3.75
H1 ACE A 1 -10.90 13.64 3.62
H2 ACE A 1 -9.36 13.42 2.77
H3 ACE A 1 -9.39 14.30 4.31
N LYS A 2 -10.07 11.08 3.92
CA LYS A 2 -9.91 9.78 4.56
C LYS A 2 -8.47 9.38 4.34
N PHE A 3 -7.56 9.57 5.34
CA PHE A 3 -6.16 9.24 5.14
C PHE A 3 -5.84 7.94 5.85
N GLU A 4 -6.73 6.94 5.69
CA GLU A 4 -6.59 5.68 6.41
C GLU A 4 -5.66 4.74 5.67
N ASP A 5 -4.35 4.74 6.02
CA ASP A 5 -3.40 3.78 5.48
C ASP A 5 -3.92 2.36 5.36
N TRP A 6 -3.27 1.50 4.53
CA TRP A 6 -3.75 0.15 4.28
C TRP A 6 -2.67 -0.88 4.48
N LEU A 7 -3.03 -2.14 4.82
CA LEU A 7 -2.02 -3.19 4.94
C LEU A 7 -1.83 -3.85 3.60
N CYS A 8 -0.57 -4.19 3.25
CA CYS A 8 -0.31 -4.86 1.97
C CYS A 8 -0.74 -6.29 2.10
N ASN A 9 -1.04 -6.97 0.96
CA ASN A 9 -1.38 -8.40 1.01
C ASN A 9 -0.22 -9.19 0.45
N LYS A 10 1.01 -8.78 0.83
CA LYS A 10 2.22 -9.43 0.31
C LYS A 10 3.27 -9.38 1.40
N CYS A 11 3.66 -8.17 1.88
CA CYS A 11 4.56 -8.05 3.02
C CYS A 11 3.89 -7.56 4.29
N CYS A 12 2.56 -7.37 4.32
CA CYS A 12 1.87 -7.02 5.57
C CYS A 12 2.34 -5.73 6.22
N LEU A 13 2.80 -4.72 5.44
CA LEU A 13 3.24 -3.45 6.03
C LEU A 13 2.16 -2.40 5.85
N ASN A 14 2.02 -1.47 6.83
CA ASN A 14 0.98 -0.44 6.75
C ASN A 14 1.39 0.70 5.85
N ASN A 15 0.97 0.73 4.57
CA ASN A 15 1.45 1.76 3.64
C ASN A 15 0.49 2.91 3.59
N PHE A 16 0.98 4.14 3.31
CA PHE A 16 0.07 5.28 3.32
C PHE A 16 -1.01 5.13 2.28
N ARG A 17 -2.16 5.80 2.52
CA ARG A 17 -3.23 5.76 1.54
C ARG A 17 -2.85 6.57 0.33
N LYS A 18 -2.15 7.71 0.49
CA LYS A 18 -1.72 8.46 -0.68
C LYS A 18 -1.01 7.54 -1.64
N ARG A 19 -0.18 6.60 -1.13
CA ARG A 19 0.54 5.73 -2.04
C ARG A 19 -0.42 4.70 -2.58
N LEU A 20 -0.56 4.60 -3.91
CA LEU A 20 -1.34 3.49 -4.47
C LEU A 20 -0.56 2.21 -4.30
N LYS A 21 0.80 2.26 -4.38
CA LYS A 21 1.60 1.03 -4.31
C LYS A 21 2.26 0.88 -2.96
N CYS A 22 2.77 -0.33 -2.67
CA CYS A 22 3.39 -0.56 -1.37
C CYS A 22 4.74 0.11 -1.38
N PHE A 23 5.26 0.49 -0.18
CA PHE A 23 6.59 1.10 -0.09
C PHE A 23 7.53 0.09 0.52
N ARG A 24 7.50 -1.14 -0.04
CA ARG A 24 8.41 -2.20 0.37
C ARG A 24 8.55 -3.17 -0.79
N CYS A 25 7.44 -3.80 -1.26
CA CYS A 25 7.49 -4.70 -2.41
C CYS A 25 6.85 -4.11 -3.65
N GLY A 26 6.42 -2.83 -3.67
CA GLY A 26 5.85 -2.26 -4.89
C GLY A 26 4.58 -2.91 -5.39
N ALA A 27 3.98 -3.87 -4.67
CA ALA A 27 2.75 -4.49 -5.18
C ALA A 27 1.60 -3.60 -4.82
N ASP A 28 0.55 -3.52 -5.67
CA ASP A 28 -0.58 -2.66 -5.32
C ASP A 28 -1.49 -3.42 -4.39
N LYS A 29 -2.21 -2.71 -3.48
CA LYS A 29 -3.16 -3.41 -2.63
C LYS A 29 -4.16 -4.20 -3.46
N PHE A 30 -4.43 -3.83 -4.74
CA PHE A 30 -5.46 -4.51 -5.52
C PHE A 30 -4.81 -5.16 -6.71
N ASP A 31 -3.55 -5.65 -6.58
CA ASP A 31 -2.85 -6.23 -7.73
C ASP A 31 -2.69 -5.20 -8.86
N NH2 A 32 -3.75 -4.90 -9.64
HN1 NH2 A 32 -3.66 -4.24 -10.38
HN2 NH2 A 32 -4.64 -5.34 -9.49
C1 AQN B . 5.47 5.35 4.12
C2 AQN B . 5.47 5.36 5.52
C3 AQN B . 4.35 4.70 6.28
O3 AQN B . 3.41 4.21 5.68
C4 AQN B . 4.40 4.65 7.80
C5 AQN B . 3.37 4.01 8.51
C6 AQN B . 3.43 3.94 9.90
C7 AQN B . 4.50 4.50 10.59
C8 AQN B . 5.52 5.16 9.88
C9 AQN B . 5.46 5.23 8.49
C10 AQN B . 6.55 5.94 7.71
O10 AQN B . 7.46 6.48 8.33
C11 AQN B . 6.51 6.01 6.21
C12 AQN B . 7.49 6.69 5.49
C13 AQN B . 7.43 6.76 4.10
C14 AQN B . 6.40 6.12 3.40
S15 AQN B . 6.26 6.30 1.64
OS1 AQN B . 7.59 6.46 1.08
OS2 AQN B . 5.39 5.26 1.14
OS3 AQN B . 5.54 7.61 1.55
H1 AQN B . 4.74 4.76 3.58
H5 AQN B . 2.53 3.58 7.99
H6 AQN B . 2.64 3.43 10.44
H7 AQN B . 4.56 4.44 11.66
H8 AQN B . 6.34 5.60 10.43
H12 AQN B . 8.31 7.18 6.02
H13 AQN B . 8.18 7.32 3.56
ZN ZN C . 4.06 -4.81 0.35
C ACE A 1 -2.78 11.32 5.23
O ACE A 1 -2.68 10.56 4.25
CH3 ACE A 1 -2.41 12.78 5.08
H1 ACE A 1 -1.60 13.03 5.76
H2 ACE A 1 -3.28 13.40 5.31
H3 ACE A 1 -2.11 12.97 4.05
N LYS A 2 -3.19 10.96 6.46
CA LYS A 2 -3.57 9.57 6.72
C LYS A 2 -5.02 9.41 6.35
N PHE A 3 -5.33 9.14 5.06
CA PHE A 3 -6.72 8.92 4.65
C PHE A 3 -7.02 7.44 4.77
N GLU A 4 -6.90 6.87 5.98
CA GLU A 4 -7.19 5.45 6.19
C GLU A 4 -6.24 4.58 5.39
N ASP A 5 -4.98 4.50 5.89
CA ASP A 5 -3.96 3.63 5.29
C ASP A 5 -4.46 2.21 5.10
N TRP A 6 -3.74 1.37 4.30
CA TRP A 6 -4.19 0.00 4.04
C TRP A 6 -3.08 -0.98 4.25
N LEU A 7 -3.42 -2.27 4.47
CA LEU A 7 -2.42 -3.26 4.87
C LEU A 7 -2.09 -4.12 3.67
N CYS A 8 -0.79 -4.22 3.28
CA CYS A 8 -0.46 -4.89 2.03
C CYS A 8 -0.75 -6.37 2.11
N ASN A 9 -0.95 -7.03 0.94
CA ASN A 9 -1.21 -8.47 0.93
C ASN A 9 0.02 -9.18 0.41
N LYS A 10 1.21 -8.74 0.88
CA LYS A 10 2.47 -9.30 0.42
C LYS A 10 3.46 -9.21 1.56
N CYS A 11 3.79 -7.98 2.03
CA CYS A 11 4.71 -7.78 3.13
C CYS A 11 4.03 -7.35 4.41
N CYS A 12 2.68 -7.20 4.43
CA CYS A 12 1.98 -6.92 5.68
C CYS A 12 2.37 -5.60 6.31
N LEU A 13 2.75 -4.58 5.51
CA LEU A 13 3.07 -3.26 6.04
C LEU A 13 1.86 -2.38 5.87
N ASN A 14 1.62 -1.38 6.75
CA ASN A 14 0.51 -0.46 6.55
C ASN A 14 1.01 0.66 5.68
N ASN A 15 0.39 0.95 4.51
CA ASN A 15 0.89 1.96 3.58
C ASN A 15 -0.12 3.05 3.42
N PHE A 16 0.28 4.32 3.21
CA PHE A 16 -0.72 5.38 3.16
C PHE A 16 -1.71 5.13 2.06
N ARG A 17 -2.92 5.74 2.18
CA ARG A 17 -3.92 5.55 1.15
C ARG A 17 -3.47 6.26 -0.11
N LYS A 18 -2.99 7.52 0.02
CA LYS A 18 -2.55 8.23 -1.16
C LYS A 18 -1.61 7.37 -1.95
N ARG A 19 -0.72 6.63 -1.26
CA ARG A 19 0.16 5.73 -1.99
C ARG A 19 -0.70 4.67 -2.66
N LEU A 20 -0.89 4.76 -4.00
CA LEU A 20 -1.55 3.69 -4.72
C LEU A 20 -0.78 2.39 -4.65
N LYS A 21 0.55 2.41 -4.41
CA LYS A 21 1.33 1.17 -4.34
C LYS A 21 1.94 1.01 -2.98
N CYS A 22 2.46 -0.20 -2.66
CA CYS A 22 3.04 -0.40 -1.34
C CYS A 22 4.37 0.30 -1.30
N PHE A 23 4.84 0.74 -0.11
CA PHE A 23 6.15 1.36 0.00
C PHE A 23 7.10 0.42 0.70
N ARG A 24 7.11 -0.85 0.20
CA ARG A 24 8.08 -1.84 0.64
C ARG A 24 8.33 -2.78 -0.52
N CYS A 25 7.28 -3.46 -1.02
CA CYS A 25 7.40 -4.36 -2.17
C CYS A 25 6.76 -3.83 -3.44
N GLY A 26 6.27 -2.57 -3.50
CA GLY A 26 5.71 -2.06 -4.74
C GLY A 26 4.48 -2.79 -5.25
N ALA A 27 3.84 -3.69 -4.47
CA ALA A 27 2.64 -4.34 -4.95
C ALA A 27 1.49 -3.36 -4.87
N ASP A 28 0.50 -3.45 -5.78
CA ASP A 28 -0.62 -2.53 -5.73
C ASP A 28 -1.67 -3.10 -4.80
N LYS A 29 -2.66 -2.30 -4.37
CA LYS A 29 -3.77 -2.85 -3.59
C LYS A 29 -4.23 -4.16 -4.19
N PHE A 30 -4.34 -4.25 -5.54
CA PHE A 30 -4.81 -5.48 -6.17
C PHE A 30 -3.64 -6.28 -6.70
N ASP A 31 -2.52 -6.37 -5.95
CA ASP A 31 -1.33 -7.05 -6.46
C ASP A 31 -0.88 -6.47 -7.80
N NH2 A 32 -1.47 -6.91 -8.93
HN1 NH2 A 32 -1.18 -6.55 -9.82
HN2 NH2 A 32 -2.20 -7.60 -8.91
C1 AQN B . 4.78 5.84 3.88
C2 AQN B . 4.86 5.70 5.28
C3 AQN B . 3.84 4.84 6.00
O3 AQN B . 2.93 4.32 5.39
C4 AQN B . 3.97 4.62 7.50
C5 AQN B . 3.05 3.84 8.18
C6 AQN B . 3.21 3.58 9.55
C7 AQN B . 4.27 4.16 10.24
C8 AQN B . 5.17 4.99 9.57
C9 AQN B . 5.02 5.23 8.19
C10 AQN B . 6.00 6.12 7.48
O10 AQN B . 6.90 6.67 8.09
C11 AQN B . 5.87 6.34 5.99
C12 AQN B . 6.76 7.19 5.32
C13 AQN B . 6.65 7.38 3.95
C14 AQN B . 5.67 6.69 3.21
S15 AQN B . 5.54 6.91 1.45
OS1 AQN B . 5.16 5.64 0.88
OS2 AQN B . 4.36 7.84 1.35
OS3 AQN B . 6.72 7.60 0.96
H1 AQN B . 4.02 5.31 3.32
H5 AQN B . 2.19 3.44 7.67
H6 AQN B . 2.51 2.92 10.05
H7 AQN B . 4.41 3.96 11.30
H8 AQN B . 5.98 5.46 10.12
H12 AQN B . 7.53 7.71 5.87
H13 AQN B . 7.31 8.06 3.44
ZN ZN C . 3.91 -4.60 0.49
C ACE A 1 -9.51 12.81 3.35
O ACE A 1 -8.83 12.99 4.37
CH3 ACE A 1 -9.83 13.97 2.44
H1 ACE A 1 -10.90 14.11 2.36
H2 ACE A 1 -9.42 13.78 1.44
H3 ACE A 1 -9.37 14.87 2.84
N LYS A 2 -10.01 11.63 2.95
CA LYS A 2 -9.77 10.42 3.75
C LYS A 2 -8.37 9.94 3.43
N PHE A 3 -7.34 10.35 4.21
CA PHE A 3 -6.00 9.81 4.00
C PHE A 3 -5.84 8.61 4.90
N GLU A 4 -6.57 7.51 4.62
CA GLU A 4 -6.51 6.34 5.48
C GLU A 4 -5.54 5.34 4.88
N ASP A 5 -4.30 5.27 5.41
CA ASP A 5 -3.32 4.30 4.90
C ASP A 5 -3.88 2.91 4.74
N TRP A 6 -3.20 2.04 3.96
CA TRP A 6 -3.72 0.70 3.68
C TRP A 6 -2.63 -0.32 3.87
N LEU A 7 -3.00 -1.62 3.99
CA LEU A 7 -2.05 -2.66 4.38
C LEU A 7 -1.82 -3.53 3.16
N CYS A 8 -0.57 -3.63 2.65
CA CYS A 8 -0.34 -4.34 1.39
C CYS A 8 -0.71 -5.78 1.53
N ASN A 9 -1.03 -6.47 0.41
CA ASN A 9 -1.44 -7.88 0.48
C ASN A 9 -0.31 -8.72 -0.06
N LYS A 10 0.95 -8.36 0.26
CA LYS A 10 2.11 -9.04 -0.32
C LYS A 10 3.26 -8.95 0.66
N CYS A 11 3.73 -7.74 1.05
CA CYS A 11 4.72 -7.60 2.12
C CYS A 11 4.14 -7.15 3.44
N CYS A 12 2.82 -6.91 3.55
CA CYS A 12 2.20 -6.58 4.83
C CYS A 12 2.68 -5.30 5.45
N LEU A 13 3.02 -4.26 4.65
CA LEU A 13 3.43 -2.97 5.20
C LEU A 13 2.26 -2.01 5.15
N ASN A 14 2.17 -1.08 6.13
CA ASN A 14 1.14 -0.04 6.05
C ASN A 14 1.64 1.06 5.14
N ASN A 15 0.98 1.35 3.99
CA ASN A 15 1.48 2.36 3.06
C ASN A 15 0.53 3.52 3.02
N PHE A 16 1.02 4.76 2.74
CA PHE A 16 0.11 5.89 2.78
C PHE A 16 -1.02 5.75 1.79
N ARG A 17 -2.13 6.47 2.05
CA ARG A 17 -3.25 6.46 1.12
C ARG A 17 -2.82 7.11 -0.17
N LYS A 18 -2.25 8.32 -0.07
CA LYS A 18 -1.82 9.03 -1.28
C LYS A 18 -1.08 8.07 -2.17
N ARG A 19 -0.18 7.26 -1.59
CA ARG A 19 0.59 6.36 -2.43
C ARG A 19 -0.35 5.36 -3.09
N LEU A 20 -0.50 5.43 -4.43
CA LEU A 20 -1.26 4.40 -5.13
C LEU A 20 -0.53 3.07 -5.11
N LYS A 21 0.80 3.03 -4.87
CA LYS A 21 1.52 1.76 -4.86
C LYS A 21 2.23 1.55 -3.56
N CYS A 22 2.65 0.29 -3.29
CA CYS A 22 3.30 0.03 -2.02
C CYS A 22 4.67 0.66 -2.05
N PHE A 23 5.24 1.03 -0.88
CA PHE A 23 6.60 1.57 -0.85
C PHE A 23 7.52 0.54 -0.23
N ARG A 24 7.37 -0.72 -0.71
CA ARG A 24 8.30 -1.78 -0.36
C ARG A 24 8.42 -2.70 -1.57
N CYS A 25 7.30 -3.31 -2.02
CA CYS A 25 7.29 -4.16 -3.21
C CYS A 25 6.64 -3.52 -4.42
N GLY A 26 6.31 -2.20 -4.41
CA GLY A 26 5.76 -1.56 -5.61
C GLY A 26 4.48 -2.15 -6.14
N ALA A 27 3.75 -3.01 -5.38
CA ALA A 27 2.56 -3.64 -5.94
C ALA A 27 1.34 -2.81 -5.62
N ASP A 28 0.44 -2.55 -6.60
CA ASP A 28 -0.71 -1.68 -6.34
C ASP A 28 -1.71 -2.33 -5.43
N LYS A 29 -2.62 -1.53 -4.82
CA LYS A 29 -3.71 -2.08 -4.02
C LYS A 29 -4.27 -3.34 -4.65
N PHE A 30 -4.55 -3.33 -5.97
CA PHE A 30 -5.16 -4.49 -6.61
C PHE A 30 -4.13 -5.27 -7.38
N ASP A 31 -3.01 -5.61 -6.70
CA ASP A 31 -1.92 -6.35 -7.34
C ASP A 31 -1.16 -7.12 -6.26
N NH2 A 32 -0.62 -6.44 -5.23
HN1 NH2 A 32 -0.14 -6.93 -4.50
HN2 NH2 A 32 -0.65 -5.43 -5.19
C1 AQN B . 5.75 6.15 2.92
C2 AQN B . 5.86 5.98 4.30
C3 AQN B . 4.81 5.20 5.06
O3 AQN B . 3.83 4.76 4.48
C4 AQN B . 4.97 4.97 6.55
C5 AQN B . 4.01 4.26 7.27
C6 AQN B . 4.21 3.95 8.61
C7 AQN B . 5.34 4.43 9.27
C8 AQN B . 6.28 5.19 8.57
C9 AQN B . 6.09 5.47 7.22
C10 AQN B . 7.11 6.30 6.46
O10 AQN B . 8.06 6.77 7.06
C11 AQN B . 6.93 6.55 4.99
C12 AQN B . 7.86 7.33 4.30
C13 AQN B . 7.70 7.56 2.93
C14 AQN B . 6.63 6.99 2.24
S15 AQN B . 6.40 7.32 0.50
OS1 AQN B . 6.44 6.06 -0.23
OS2 AQN B . 4.98 7.81 0.54
OS3 AQN B . 7.26 8.41 0.11
H1 AQN B . 4.96 5.64 2.36
H5 AQN B . 3.09 3.93 6.79
H6 AQN B . 3.49 3.34 9.15
H7 AQN B . 5.50 4.20 10.33
H8 AQN B . 7.14 5.60 9.11
H12 AQN B . 8.70 7.77 4.81
H13 AQN B . 8.42 8.19 2.40
ZN ZN C . 3.93 -4.29 -0.38
C ACE A 1 -7.63 13.65 5.15
O ACE A 1 -7.13 13.47 6.27
CH3 ACE A 1 -7.50 14.99 4.48
H1 ACE A 1 -8.50 15.39 4.29
H2 ACE A 1 -6.98 14.89 3.53
H3 ACE A 1 -6.95 15.66 5.13
N LYS A 2 -8.29 12.71 4.44
CA LYS A 2 -8.47 11.37 4.97
C LYS A 2 -7.31 10.52 4.53
N PHE A 3 -6.24 10.39 5.37
CA PHE A 3 -5.12 9.54 5.03
C PHE A 3 -5.41 8.15 5.55
N GLU A 4 -6.43 7.46 4.99
CA GLU A 4 -6.75 6.11 5.43
C GLU A 4 -5.78 5.15 4.77
N ASP A 5 -4.54 5.09 5.29
CA ASP A 5 -3.52 4.19 4.73
C ASP A 5 -4.03 2.78 4.57
N TRP A 6 -3.34 1.93 3.75
CA TRP A 6 -3.83 0.58 3.46
C TRP A 6 -2.75 -0.45 3.63
N LEU A 7 -3.10 -1.70 4.03
CA LEU A 7 -2.08 -2.73 4.16
C LEU A 7 -1.86 -3.38 2.83
N CYS A 8 -0.57 -3.65 2.47
CA CYS A 8 -0.28 -4.30 1.20
C CYS A 8 -0.70 -5.74 1.31
N ASN A 9 -0.92 -6.44 0.17
CA ASN A 9 -1.28 -7.85 0.21
C ASN A 9 -0.08 -8.66 -0.23
N LYS A 10 1.13 -8.24 0.21
CA LYS A 10 2.36 -8.88 -0.21
C LYS A 10 3.36 -8.77 0.92
N CYS A 11 3.72 -7.54 1.37
CA CYS A 11 4.57 -7.36 2.55
C CYS A 11 3.82 -6.81 3.75
N CYS A 12 2.47 -6.69 3.73
CA CYS A 12 1.73 -6.29 4.92
C CYS A 12 2.14 -4.94 5.51
N LEU A 13 2.71 -4.03 4.70
CA LEU A 13 3.13 -2.73 5.21
C LEU A 13 1.97 -1.77 5.07
N ASN A 14 1.82 -0.78 5.99
CA ASN A 14 0.69 0.14 5.93
C ASN A 14 1.07 1.32 5.05
N ASN A 15 0.68 1.31 3.75
CA ASN A 15 1.15 2.35 2.83
C ASN A 15 0.18 3.50 2.79
N PHE A 16 0.67 4.73 2.46
CA PHE A 16 -0.21 5.89 2.55
C PHE A 16 -1.40 5.75 1.65
N ARG A 17 -2.47 6.54 1.91
CA ARG A 17 -3.60 6.51 1.00
C ARG A 17 -3.23 7.10 -0.32
N LYS A 18 -2.66 8.33 -0.35
CA LYS A 18 -2.33 8.90 -1.64
C LYS A 18 -1.50 7.96 -2.46
N ARG A 19 -0.67 7.09 -1.84
CA ARG A 19 0.11 6.17 -2.65
C ARG A 19 -0.81 5.16 -3.26
N LEU A 20 -0.86 5.06 -4.61
CA LEU A 20 -1.51 3.92 -5.24
C LEU A 20 -0.61 2.70 -5.13
N LYS A 21 0.74 2.85 -5.03
CA LYS A 21 1.62 1.68 -4.97
C LYS A 21 2.34 1.53 -3.66
N CYS A 22 2.75 0.28 -3.34
CA CYS A 22 3.38 0.03 -2.06
C CYS A 22 4.74 0.66 -2.05
N PHE A 23 5.27 1.10 -0.89
CA PHE A 23 6.59 1.71 -0.84
C PHE A 23 7.55 0.70 -0.24
N ARG A 24 7.53 -0.52 -0.83
CA ARG A 24 8.42 -1.59 -0.41
C ARG A 24 8.58 -2.56 -1.56
N CYS A 25 7.46 -3.15 -2.05
CA CYS A 25 7.50 -4.06 -3.20
C CYS A 25 6.78 -3.51 -4.42
N GLY A 26 6.35 -2.22 -4.45
CA GLY A 26 5.71 -1.69 -5.65
C GLY A 26 4.38 -2.32 -6.01
N ALA A 27 3.82 -3.24 -5.20
CA ALA A 27 2.57 -3.89 -5.59
C ALA A 27 1.41 -2.93 -5.46
N ASP A 28 0.70 -2.61 -6.56
CA ASP A 28 -0.49 -1.76 -6.46
C ASP A 28 -1.52 -2.39 -5.55
N LYS A 29 -2.50 -1.59 -5.06
CA LYS A 29 -3.59 -2.16 -4.28
C LYS A 29 -4.10 -3.44 -4.89
N PHE A 30 -4.25 -3.51 -6.24
CA PHE A 30 -4.81 -4.70 -6.87
C PHE A 30 -3.69 -5.50 -7.51
N ASP A 31 -2.64 -5.84 -6.73
CA ASP A 31 -1.51 -6.57 -7.27
C ASP A 31 -0.96 -7.50 -6.17
N NH2 A 32 -0.14 -8.51 -6.53
HN1 NH2 A 32 0.23 -9.12 -5.83
HN2 NH2 A 32 0.11 -8.67 -7.49
C1 AQN B . 4.52 7.60 2.00
C2 AQN B . 5.45 6.96 2.83
C3 AQN B . 5.29 5.50 3.17
O3 AQN B . 4.36 4.85 2.68
C4 AQN B . 6.27 4.83 4.09
C5 AQN B . 6.05 3.53 4.52
C6 AQN B . 6.99 2.88 5.33
C7 AQN B . 8.17 3.53 5.69
C8 AQN B . 8.37 4.86 5.32
C9 AQN B . 7.40 5.52 4.54
C10 AQN B . 7.56 6.98 4.20
O10 AQN B . 8.53 7.60 4.62
C11 AQN B . 6.52 7.68 3.36
C12 AQN B . 6.63 9.05 3.08
C13 AQN B . 5.69 9.69 2.28
C14 AQN B . 4.63 8.95 1.72
S15 AQN B . 3.48 9.76 0.65
OS1 AQN B . 4.19 10.19 -0.53
OS2 AQN B . 2.31 8.93 0.53
OS3 AQN B . 3.13 10.97 1.47
H1 AQN B . 3.71 7.01 1.57
H5 AQN B . 5.14 3.03 4.23
H6 AQN B . 6.82 1.87 5.68
H7 AQN B . 8.92 3.01 6.27
H8 AQN B . 9.26 5.38 5.64
H12 AQN B . 7.46 9.62 3.49
H13 AQN B . 5.78 10.75 2.07
ZN ZN C . 4.12 -4.22 -0.32
C ACE A 1 -8.58 13.65 4.38
O ACE A 1 -8.62 13.31 5.56
CH3 ACE A 1 -8.28 15.10 4.03
H1 ACE A 1 -9.10 15.53 3.47
H2 ACE A 1 -7.37 15.15 3.42
H3 ACE A 1 -8.11 15.66 4.95
N LYS A 2 -8.79 12.86 3.32
CA LYS A 2 -9.10 11.44 3.52
C LYS A 2 -7.79 10.68 3.51
N PHE A 3 -7.22 10.38 4.70
CA PHE A 3 -5.98 9.60 4.75
C PHE A 3 -6.40 8.18 5.01
N GLU A 4 -7.13 7.54 4.07
CA GLU A 4 -7.52 6.15 4.23
C GLU A 4 -6.32 5.28 3.89
N ASP A 5 -5.31 5.26 4.77
CA ASP A 5 -4.13 4.42 4.54
C ASP A 5 -4.52 2.98 4.32
N TRP A 6 -3.62 2.15 3.75
CA TRP A 6 -3.96 0.76 3.47
C TRP A 6 -2.79 -0.14 3.77
N LEU A 7 -3.05 -1.46 3.95
CA LEU A 7 -1.98 -2.39 4.28
C LEU A 7 -1.68 -3.22 3.06
N CYS A 8 -0.40 -3.47 2.70
CA CYS A 8 -0.12 -4.21 1.48
C CYS A 8 -0.37 -5.67 1.74
N ASN A 9 -0.70 -6.46 0.68
CA ASN A 9 -0.90 -7.90 0.86
C ASN A 9 0.32 -8.72 0.48
N LYS A 10 1.28 -8.19 -0.33
CA LYS A 10 2.48 -8.96 -0.64
C LYS A 10 3.41 -8.89 0.56
N CYS A 11 3.94 -7.68 0.87
CA CYS A 11 4.93 -7.56 1.95
C CYS A 11 4.31 -7.30 3.30
N CYS A 12 2.98 -7.09 3.43
CA CYS A 12 2.39 -6.91 4.75
C CYS A 12 2.95 -5.71 5.48
N LEU A 13 3.14 -4.58 4.76
CA LEU A 13 3.63 -3.34 5.36
C LEU A 13 2.57 -2.29 5.21
N ASN A 14 2.44 -1.35 6.19
CA ASN A 14 1.47 -0.27 6.03
C ASN A 14 1.90 0.70 4.96
N ASN A 15 0.94 1.43 4.35
CA ASN A 15 1.23 2.32 3.23
C ASN A 15 0.33 3.52 3.33
N PHE A 16 0.65 4.70 2.73
CA PHE A 16 -0.26 5.83 2.85
C PHE A 16 -1.34 5.77 1.80
N ARG A 17 -2.44 6.53 2.01
CA ARG A 17 -3.49 6.60 1.00
C ARG A 17 -2.94 7.18 -0.27
N LYS A 18 -2.31 8.38 -0.15
CA LYS A 18 -1.82 9.07 -1.34
C LYS A 18 -1.04 8.12 -2.19
N ARG A 19 -0.26 7.21 -1.57
CA ARG A 19 0.50 6.25 -2.35
C ARG A 19 -0.45 5.20 -2.85
N LEU A 20 -0.69 5.13 -4.19
CA LEU A 20 -1.43 4.01 -4.76
C LEU A 20 -0.56 2.77 -4.71
N LYS A 21 0.78 2.91 -4.83
CA LYS A 21 1.66 1.74 -4.84
C LYS A 21 2.32 1.53 -3.49
N CYS A 22 2.85 0.33 -3.25
CA CYS A 22 3.51 0.07 -1.97
C CYS A 22 4.89 0.67 -2.03
N PHE A 23 5.48 1.02 -0.86
CA PHE A 23 6.85 1.57 -0.84
C PHE A 23 7.81 0.54 -0.32
N ARG A 24 7.75 -0.67 -0.93
CA ARG A 24 8.63 -1.77 -0.54
C ARG A 24 8.64 -2.79 -1.67
N CYS A 25 7.48 -3.35 -2.09
CA CYS A 25 7.42 -4.24 -3.26
C CYS A 25 6.76 -3.60 -4.46
N GLY A 26 6.33 -2.31 -4.43
CA GLY A 26 5.73 -1.70 -5.61
C GLY A 26 4.45 -2.33 -6.08
N ALA A 27 3.83 -3.27 -5.33
CA ALA A 27 2.62 -3.90 -5.82
C ALA A 27 1.45 -3.06 -5.38
N ASP A 28 0.51 -2.73 -6.30
CA ASP A 28 -0.63 -1.91 -5.91
C ASP A 28 -1.53 -2.69 -4.97
N LYS A 29 -2.28 -2.01 -4.07
CA LYS A 29 -3.23 -2.73 -3.23
C LYS A 29 -4.21 -3.52 -4.06
N PHE A 30 -4.48 -3.14 -5.34
CA PHE A 30 -5.50 -3.82 -6.13
C PHE A 30 -4.81 -4.48 -7.31
N ASP A 31 -3.60 -5.04 -7.09
CA ASP A 31 -2.87 -5.67 -8.20
C ASP A 31 -3.44 -7.07 -8.41
N NH2 A 32 -3.26 -7.66 -9.62
HN1 NH2 A 32 -3.63 -8.58 -9.78
HN2 NH2 A 32 -2.76 -7.20 -10.36
C1 AQN B . 5.53 6.05 3.13
C2 AQN B . 5.57 5.71 4.50
C3 AQN B . 4.45 4.89 5.11
O3 AQN B . 3.49 4.58 4.43
C4 AQN B . 4.52 4.48 6.56
C5 AQN B . 3.48 3.73 7.13
C6 AQN B . 3.54 3.38 8.48
C7 AQN B . 4.66 3.70 9.24
C8 AQN B . 5.70 4.45 8.68
C9 AQN B . 5.61 4.86 7.34
C10 AQN B . 6.70 5.72 6.75
O10 AQN B . 7.63 6.08 7.44
C11 AQN B . 6.62 6.14 5.30
C12 AQN B . 7.62 6.96 4.75
C13 AQN B . 7.58 7.31 3.40
C14 AQN B . 6.54 6.84 2.59
S15 AQN B . 6.50 7.26 0.86
OS1 AQN B . 6.60 6.04 0.09
OS2 AQN B . 5.11 7.80 0.70
OS3 AQN B . 7.43 8.35 0.61
H1 AQN B . 4.74 5.67 2.49
H5 AQN B . 2.63 3.43 6.52
H6 AQN B . 2.73 2.85 8.95
H7 AQN B . 4.73 3.37 10.27
H8 AQN B . 6.57 4.70 9.28
H12 AQN B . 8.44 7.31 5.37
H13 AQN B . 8.35 7.95 2.99
ZN ZN C . 4.07 -4.14 -0.34
C ACE A 1 -7.06 13.54 4.37
O ACE A 1 -7.16 13.11 5.53
CH3 ACE A 1 -6.64 14.98 4.14
H1 ACE A 1 -7.42 15.51 3.60
H2 ACE A 1 -5.72 15.00 3.54
H3 ACE A 1 -6.45 15.45 5.10
N LYS A 2 -7.31 12.83 3.26
CA LYS A 2 -7.73 11.44 3.36
C LYS A 2 -6.47 10.63 3.57
N PHE A 3 -6.12 10.32 4.84
CA PHE A 3 -4.95 9.47 5.12
C PHE A 3 -5.45 8.08 5.42
N GLU A 4 -6.37 7.56 4.59
CA GLU A 4 -6.90 6.22 4.82
C GLU A 4 -5.90 5.22 4.31
N ASP A 5 -4.82 5.00 5.08
CA ASP A 5 -3.75 4.13 4.62
C ASP A 5 -4.26 2.73 4.40
N TRP A 6 -3.46 1.85 3.75
CA TRP A 6 -3.92 0.50 3.47
C TRP A 6 -2.81 -0.49 3.68
N LEU A 7 -3.16 -1.78 3.85
CA LEU A 7 -2.17 -2.78 4.27
C LEU A 7 -1.85 -3.65 3.08
N CYS A 8 -0.59 -3.66 2.61
CA CYS A 8 -0.27 -4.37 1.37
C CYS A 8 -0.54 -5.83 1.52
N ASN A 9 -0.86 -6.54 0.40
CA ASN A 9 -1.13 -7.98 0.47
C ASN A 9 0.04 -8.74 -0.11
N LYS A 10 1.26 -8.22 0.09
CA LYS A 10 2.46 -8.78 -0.52
C LYS A 10 3.56 -8.76 0.52
N CYS A 11 3.94 -7.57 1.04
CA CYS A 11 4.94 -7.46 2.10
C CYS A 11 4.32 -7.18 3.45
N CYS A 12 2.97 -7.11 3.59
CA CYS A 12 2.36 -6.93 4.90
C CYS A 12 2.82 -5.68 5.62
N LEU A 13 2.94 -4.54 4.89
CA LEU A 13 3.32 -3.28 5.50
C LEU A 13 2.21 -2.27 5.24
N ASN A 14 1.95 -1.33 6.18
CA ASN A 14 1.01 -0.26 5.89
C ASN A 14 1.59 0.73 4.91
N ASN A 15 0.76 1.39 4.07
CA ASN A 15 1.27 2.36 3.08
C ASN A 15 0.28 3.48 2.92
N PHE A 16 0.74 4.69 2.56
CA PHE A 16 -0.15 5.85 2.60
C PHE A 16 -1.31 5.68 1.66
N ARG A 17 -2.38 6.48 1.86
CA ARG A 17 -3.52 6.44 0.96
C ARG A 17 -3.16 6.90 -0.42
N LYS A 18 -2.69 8.16 -0.54
CA LYS A 18 -2.45 8.74 -1.85
C LYS A 18 -1.51 7.85 -2.63
N ARG A 19 -0.56 7.19 -1.94
CA ARG A 19 0.26 6.22 -2.64
C ARG A 19 -0.65 5.15 -3.19
N LEU A 20 -0.85 5.13 -4.53
CA LEU A 20 -1.60 4.05 -5.15
C LEU A 20 -0.83 2.76 -5.03
N LYS A 21 0.52 2.82 -4.95
CA LYS A 21 1.34 1.61 -4.90
C LYS A 21 2.00 1.48 -3.56
N CYS A 22 2.54 0.28 -3.24
CA CYS A 22 3.13 0.10 -1.92
C CYS A 22 4.43 0.85 -1.87
N PHE A 23 4.86 1.34 -0.70
CA PHE A 23 6.15 2.02 -0.58
C PHE A 23 7.16 1.08 0.02
N ARG A 24 7.14 -0.20 -0.44
CA ARG A 24 8.15 -1.18 -0.04
C ARG A 24 8.41 -2.09 -1.22
N CYS A 25 7.37 -2.83 -1.72
CA CYS A 25 7.54 -3.67 -2.89
C CYS A 25 6.96 -3.07 -4.16
N GLY A 26 6.40 -1.83 -4.15
CA GLY A 26 5.89 -1.26 -5.39
C GLY A 26 4.67 -1.95 -5.96
N ALA A 27 4.06 -2.94 -5.28
CA ALA A 27 2.89 -3.61 -5.84
C ALA A 27 1.66 -2.83 -5.47
N ASP A 28 0.59 -2.89 -6.30
CA ASP A 28 -0.61 -2.14 -5.97
C ASP A 28 -1.49 -2.94 -5.05
N LYS A 29 -2.24 -2.27 -4.14
CA LYS A 29 -3.20 -3.01 -3.31
C LYS A 29 -4.14 -3.82 -4.17
N PHE A 30 -4.41 -3.42 -5.43
CA PHE A 30 -5.41 -4.11 -6.25
C PHE A 30 -4.71 -4.69 -7.45
N ASP A 31 -3.49 -5.23 -7.27
CA ASP A 31 -2.77 -5.79 -8.40
C ASP A 31 -3.53 -6.97 -8.99
N NH2 A 32 -4.18 -7.81 -8.15
HN1 NH2 A 32 -4.69 -8.58 -8.53
HN2 NH2 A 32 -4.17 -7.68 -7.16
C1 AQN B . 5.09 6.77 3.16
C2 AQN B . 5.72 6.17 4.25
C3 AQN B . 5.44 4.72 4.60
O3 AQN B . 4.67 4.08 3.91
C4 AQN B . 6.11 4.09 5.79
C5 AQN B . 5.78 2.79 6.18
C6 AQN B . 6.47 2.17 7.23
C7 AQN B . 7.50 2.84 7.89
C8 AQN B . 7.78 4.16 7.54
C9 AQN B . 7.08 4.78 6.52
C10 AQN B . 7.36 6.23 6.18
O10 AQN B . 8.17 6.86 6.83
C11 AQN B . 6.62 6.90 5.04
C12 AQN B . 6.83 8.26 4.76
C13 AQN B . 6.18 8.87 3.69
C14 AQN B . 5.32 8.13 2.89
S15 AQN B . 4.56 8.93 1.49
OS1 AQN B . 5.59 9.22 0.51
OS2 AQN B . 3.40 8.16 1.09
OS3 AQN B . 4.09 10.20 2.11
H1 AQN B . 4.43 6.20 2.53
H5 AQN B . 4.97 2.27 5.68
H6 AQN B . 6.21 1.16 7.52
H7 AQN B . 8.06 2.35 8.67
H8 AQN B . 8.55 4.70 8.10
H12 AQN B . 7.51 8.83 5.37
H13 AQN B . 6.36 9.92 3.49
ZN ZN C . 4.01 -4.06 -0.22
C ACE A 1 -12.64 5.95 2.38
O ACE A 1 -12.69 6.57 3.45
CH3 ACE A 1 -13.81 5.99 1.43
H1 ACE A 1 -14.20 4.98 1.27
H2 ACE A 1 -13.50 6.42 0.47
H3 ACE A 1 -14.59 6.62 1.85
N LYS A 2 -11.60 5.21 1.96
CA LYS A 2 -10.41 5.09 2.80
C LYS A 2 -9.62 6.37 2.67
N PHE A 3 -9.90 7.38 3.53
CA PHE A 3 -9.13 8.62 3.48
C PHE A 3 -7.95 8.55 4.43
N GLU A 4 -7.14 7.47 4.39
CA GLU A 4 -5.99 7.39 5.26
C GLU A 4 -5.04 6.33 4.76
N ASP A 5 -3.85 6.22 5.38
CA ASP A 5 -2.88 5.20 5.00
C ASP A 5 -3.51 3.84 4.83
N TRP A 6 -2.82 2.92 4.12
CA TRP A 6 -3.39 1.60 3.82
C TRP A 6 -2.34 0.55 4.03
N LEU A 7 -2.75 -0.74 4.11
CA LEU A 7 -1.81 -1.80 4.48
C LEU A 7 -1.76 -2.77 3.32
N CYS A 8 -0.58 -2.94 2.69
CA CYS A 8 -0.51 -3.76 1.48
C CYS A 8 -1.03 -5.14 1.77
N ASN A 9 -1.72 -5.80 0.80
CA ASN A 9 -2.21 -7.16 1.01
C ASN A 9 -1.25 -8.16 0.42
N LYS A 10 0.02 -7.76 0.16
CA LYS A 10 0.98 -8.60 -0.54
C LYS A 10 2.15 -8.81 0.40
N CYS A 11 2.84 -7.71 0.83
CA CYS A 11 3.91 -7.83 1.82
C CYS A 11 3.49 -7.39 3.20
N CYS A 12 2.20 -7.06 3.46
CA CYS A 12 1.80 -6.73 4.82
C CYS A 12 2.56 -5.58 5.43
N LEU A 13 2.85 -4.50 4.66
CA LEU A 13 3.58 -3.34 5.18
C LEU A 13 2.70 -2.13 5.06
N ASN A 14 2.81 -1.14 5.99
CA ASN A 14 1.90 0.00 5.99
C ASN A 14 2.39 1.06 5.05
N ASN A 15 1.48 1.76 4.33
CA ASN A 15 1.89 2.63 3.23
C ASN A 15 1.14 3.93 3.32
N PHE A 16 1.66 5.07 2.80
CA PHE A 16 0.91 6.32 2.95
C PHE A 16 -0.27 6.37 2.03
N ARG A 17 -1.24 7.25 2.35
CA ARG A 17 -2.39 7.45 1.47
C ARG A 17 -1.96 8.01 0.14
N LYS A 18 -1.19 9.11 0.14
CA LYS A 18 -0.75 9.67 -1.14
C LYS A 18 -0.20 8.58 -2.02
N ARG A 19 0.58 7.63 -1.45
CA ARG A 19 1.14 6.60 -2.30
C ARG A 19 0.04 5.67 -2.73
N LEU A 20 -0.25 5.59 -4.05
CA LEU A 20 -1.21 4.60 -4.54
C LEU A 20 -0.53 3.25 -4.63
N LYS A 21 0.83 3.17 -4.60
CA LYS A 21 1.52 1.89 -4.74
C LYS A 21 2.36 1.60 -3.54
N CYS A 22 2.72 0.32 -3.32
CA CYS A 22 3.45 -0.04 -2.12
C CYS A 22 4.88 0.35 -2.35
N PHE A 23 5.59 0.92 -1.35
CA PHE A 23 6.99 1.31 -1.57
C PHE A 23 7.96 0.19 -1.27
N ARG A 24 7.49 -1.04 -0.98
CA ARG A 24 8.39 -2.15 -0.67
C ARG A 24 8.29 -3.15 -1.80
N CYS A 25 7.12 -3.79 -2.04
CA CYS A 25 6.99 -4.70 -3.17
C CYS A 25 6.65 -3.98 -4.45
N GLY A 26 6.36 -2.66 -4.46
CA GLY A 26 6.07 -2.00 -5.73
C GLY A 26 4.74 -2.41 -6.34
N ALA A 27 3.88 -3.16 -5.61
CA ALA A 27 2.65 -3.66 -6.20
C ALA A 27 1.50 -2.80 -5.73
N ASP A 28 0.49 -2.50 -6.59
CA ASP A 28 -0.59 -1.63 -6.16
C ASP A 28 -1.45 -2.32 -5.13
N LYS A 29 -2.33 -1.54 -4.44
CA LYS A 29 -3.24 -2.13 -3.47
C LYS A 29 -4.07 -3.23 -4.10
N PHE A 30 -4.37 -3.14 -5.42
CA PHE A 30 -5.22 -4.15 -6.06
C PHE A 30 -4.41 -4.99 -7.03
N ASP A 31 -3.18 -5.40 -6.63
CA ASP A 31 -2.30 -6.14 -7.53
C ASP A 31 -2.05 -7.51 -6.88
N NH2 A 32 -0.79 -7.98 -6.73
HN1 NH2 A 32 -0.65 -8.88 -6.31
HN2 NH2 A 32 0.03 -7.49 -7.02
C1 AQN B . 6.78 5.86 2.50
C2 AQN B . 6.91 5.47 3.84
C3 AQN B . 5.77 4.77 4.55
O3 AQN B . 4.71 4.59 3.96
C4 AQN B . 5.93 4.30 5.98
C5 AQN B . 4.90 3.63 6.63
C6 AQN B . 5.05 3.23 7.96
C7 AQN B . 6.26 3.44 8.62
C8 AQN B . 7.29 4.10 7.98
C9 AQN B . 7.13 4.54 6.66
C10 AQN B . 8.26 5.28 5.96
O10 AQN B . 9.29 5.51 6.57
C11 AQN B . 8.10 5.73 4.53
C12 AQN B . 9.13 6.40 3.89
C13 AQN B . 8.99 6.83 2.57
C14 AQN B . 7.80 6.58 1.88
S15 AQN B . 7.60 7.14 0.22
OS1 AQN B . 8.27 6.22 -0.68
OS2 AQN B . 6.20 7.45 0.03
OS3 AQN B . 8.36 8.43 0.23
H1 AQN B . 5.89 5.59 1.94
H5 AQN B . 3.96 3.43 6.12
H6 AQN B . 4.23 2.74 8.48
H7 AQN B . 6.39 3.09 9.64
H8 AQN B . 8.23 4.27 8.50
H12 AQN B . 10.06 6.63 4.42
H13 AQN B . 9.80 7.35 2.08
ZN ZN C . 3.54 -4.27 -0.52
C ACE A 1 -8.70 13.66 4.35
O ACE A 1 -8.56 13.33 5.54
CH3 ACE A 1 -8.48 15.10 3.94
H1 ACE A 1 -9.39 15.50 3.51
H2 ACE A 1 -7.68 15.16 3.20
H3 ACE A 1 -8.19 15.69 4.81
N LYS A 2 -9.05 12.83 3.36
CA LYS A 2 -9.29 11.42 3.65
C LYS A 2 -7.96 10.72 3.56
N PHE A 3 -7.31 10.42 4.72
CA PHE A 3 -6.07 9.65 4.71
C PHE A 3 -6.43 8.22 5.03
N GLU A 4 -7.21 7.58 4.16
CA GLU A 4 -7.58 6.17 4.37
C GLU A 4 -6.38 5.33 4.03
N ASP A 5 -5.38 5.25 4.94
CA ASP A 5 -4.18 4.47 4.63
C ASP A 5 -4.55 3.03 4.39
N TRP A 6 -3.64 2.22 3.80
CA TRP A 6 -3.97 0.85 3.45
C TRP A 6 -2.77 -0.02 3.67
N LEU A 7 -2.94 -1.37 3.72
CA LEU A 7 -1.83 -2.25 4.06
C LEU A 7 -1.59 -3.24 2.94
N CYS A 8 -0.30 -3.47 2.57
CA CYS A 8 0.00 -4.28 1.41
C CYS A 8 -0.09 -5.74 1.78
N ASN A 9 -1.06 -6.50 1.23
CA ASN A 9 -1.09 -7.94 1.52
C ASN A 9 0.12 -8.64 0.97
N LYS A 10 0.86 -8.07 -0.01
CA LYS A 10 2.00 -8.79 -0.55
C LYS A 10 3.12 -8.89 0.47
N CYS A 11 3.61 -7.73 0.99
CA CYS A 11 4.72 -7.74 1.95
C CYS A 11 4.29 -7.27 3.33
N CYS A 12 2.98 -7.17 3.62
CA CYS A 12 2.55 -6.84 4.99
C CYS A 12 3.14 -5.58 5.57
N LEU A 13 3.40 -4.53 4.75
CA LEU A 13 3.92 -3.27 5.30
C LEU A 13 2.83 -2.22 5.13
N ASN A 14 2.48 -1.43 6.16
CA ASN A 14 1.44 -0.42 5.97
C ASN A 14 1.82 0.57 4.89
N ASN A 15 0.86 1.34 4.32
CA ASN A 15 1.20 2.25 3.23
C ASN A 15 0.30 3.47 3.29
N PHE A 16 0.75 4.69 2.92
CA PHE A 16 -0.14 5.85 3.02
C PHE A 16 -1.21 5.81 1.96
N ARG A 17 -2.29 6.61 2.15
CA ARG A 17 -3.33 6.72 1.14
C ARG A 17 -2.78 7.31 -0.13
N LYS A 18 -2.08 8.46 -0.02
CA LYS A 18 -1.51 9.10 -1.19
C LYS A 18 -0.78 8.10 -2.03
N ARG A 19 -0.02 7.19 -1.39
CA ARG A 19 0.69 6.18 -2.17
C ARG A 19 -0.29 5.21 -2.79
N LEU A 20 -0.55 5.34 -4.11
CA LEU A 20 -1.32 4.30 -4.80
C LEU A 20 -0.60 2.97 -4.66
N LYS A 21 0.76 2.94 -4.74
CA LYS A 21 1.48 1.67 -4.72
C LYS A 21 2.28 1.48 -3.47
N CYS A 22 2.67 0.22 -3.16
CA CYS A 22 3.39 -0.03 -1.92
C CYS A 22 4.75 0.62 -2.00
N PHE A 23 5.37 0.95 -0.85
CA PHE A 23 6.70 1.53 -0.85
C PHE A 23 7.69 0.52 -0.37
N ARG A 24 7.61 -0.69 -0.97
CA ARG A 24 8.56 -1.76 -0.70
C ARG A 24 8.60 -2.65 -1.93
N CYS A 25 7.45 -3.25 -2.32
CA CYS A 25 7.39 -4.09 -3.52
C CYS A 25 6.68 -3.44 -4.69
N GLY A 26 6.25 -2.16 -4.61
CA GLY A 26 5.59 -1.53 -5.76
C GLY A 26 4.35 -2.26 -6.25
N ALA A 27 3.71 -3.10 -5.42
CA ALA A 27 2.50 -3.80 -5.87
C ALA A 27 1.30 -2.94 -5.56
N ASP A 28 0.46 -2.59 -6.55
CA ASP A 28 -0.72 -1.78 -6.23
C ASP A 28 -1.62 -2.54 -5.30
N LYS A 29 -2.57 -1.80 -4.66
CA LYS A 29 -3.53 -2.45 -3.77
C LYS A 29 -4.25 -3.57 -4.48
N PHE A 30 -4.49 -3.44 -5.80
CA PHE A 30 -5.26 -4.45 -6.52
C PHE A 30 -4.37 -5.22 -7.47
N ASP A 31 -3.13 -5.59 -7.04
CA ASP A 31 -2.17 -6.19 -7.96
C ASP A 31 -1.79 -7.62 -7.55
N NH2 A 32 -1.23 -7.83 -6.35
HN1 NH2 A 32 -0.97 -8.75 -6.07
HN2 NH2 A 32 -1.05 -7.08 -5.70
C1 AQN B . 5.54 5.78 3.15
C2 AQN B . 5.57 5.58 4.54
C3 AQN B . 4.47 4.80 5.22
O3 AQN B . 3.51 4.42 4.58
C4 AQN B . 4.56 4.51 6.71
C5 AQN B . 3.57 3.75 7.33
C6 AQN B . 3.67 3.45 8.69
C7 AQN B . 4.74 3.95 9.44
C8 AQN B . 5.71 4.73 8.82
C9 AQN B . 5.63 5.00 7.45
C10 AQN B . 6.70 5.83 6.78
O10 AQN B . 7.62 6.28 7.44
C11 AQN B . 6.63 6.09 5.29
C12 AQN B . 7.62 6.86 4.67
C13 AQN B . 7.57 7.09 3.30
C14 AQN B . 6.55 6.52 2.52
S15 AQN B . 6.52 6.80 0.78
OS1 AQN B . 7.82 7.24 0.33
OS2 AQN B . 5.91 5.65 0.16
OS3 AQN B . 5.56 7.96 0.68
H1 AQN B . 4.73 5.37 2.56
H5 AQN B . 2.72 3.40 6.76
H6 AQN B . 2.93 2.82 9.17
H7 AQN B . 4.81 3.72 10.50
H8 AQN B . 6.54 5.13 9.41
H12 AQN B . 8.43 7.29 5.25
H13 AQN B . 8.33 7.69 2.82
ZN ZN C . 4.19 -4.30 -0.48
C ACE A 1 -8.95 13.08 3.87
O ACE A 1 -8.28 13.14 4.90
CH3 ACE A 1 -9.14 14.32 3.02
H1 ACE A 1 -10.20 14.57 2.95
H2 ACE A 1 -8.75 14.16 2.01
H3 ACE A 1 -8.60 15.15 3.48
N LYS A 2 -9.56 11.98 3.39
CA LYS A 2 -9.45 10.72 4.12
C LYS A 2 -8.12 10.10 3.79
N PHE A 3 -7.06 10.40 4.58
CA PHE A 3 -5.76 9.81 4.31
C PHE A 3 -5.66 8.49 5.05
N GLU A 4 -6.57 7.54 4.76
CA GLU A 4 -6.59 6.30 5.54
C GLU A 4 -5.70 5.29 4.86
N ASP A 5 -4.41 5.28 5.26
CA ASP A 5 -3.44 4.30 4.76
C ASP A 5 -3.98 2.89 4.62
N TRP A 6 -3.28 2.03 3.84
CA TRP A 6 -3.77 0.68 3.59
C TRP A 6 -2.69 -0.35 3.78
N LEU A 7 -3.07 -1.62 4.05
CA LEU A 7 -2.08 -2.64 4.36
C LEU A 7 -1.84 -3.45 3.11
N CYS A 8 -0.56 -3.65 2.70
CA CYS A 8 -0.30 -4.32 1.43
C CYS A 8 -0.70 -5.76 1.52
N ASN A 9 -1.00 -6.41 0.37
CA ASN A 9 -1.34 -7.84 0.38
C ASN A 9 -0.17 -8.66 -0.11
N LYS A 10 1.07 -8.12 0.02
CA LYS A 10 2.28 -8.83 -0.40
C LYS A 10 3.24 -8.80 0.76
N CYS A 11 3.74 -7.59 1.14
CA CYS A 11 4.68 -7.47 2.24
C CYS A 11 4.03 -7.01 3.53
N CYS A 12 2.69 -6.87 3.60
CA CYS A 12 2.03 -6.55 4.86
C CYS A 12 2.54 -5.27 5.52
N LEU A 13 2.93 -4.25 4.73
CA LEU A 13 3.34 -2.97 5.31
C LEU A 13 2.18 -2.01 5.20
N ASN A 14 1.98 -1.13 6.21
CA ASN A 14 0.98 -0.08 6.08
C ASN A 14 1.55 1.03 5.21
N ASN A 15 0.91 1.37 4.06
CA ASN A 15 1.45 2.38 3.14
C ASN A 15 0.51 3.55 3.05
N PHE A 16 1.00 4.77 2.76
CA PHE A 16 0.10 5.91 2.74
C PHE A 16 -1.02 5.74 1.75
N ARG A 17 -2.16 6.43 2.01
CA ARG A 17 -3.27 6.41 1.07
C ARG A 17 -2.87 7.13 -0.19
N LYS A 18 -2.20 8.31 -0.06
CA LYS A 18 -1.83 9.06 -1.26
C LYS A 18 -1.14 8.16 -2.24
N ARG A 19 -0.32 7.19 -1.78
CA ARG A 19 0.37 6.34 -2.74
C ARG A 19 -0.57 5.28 -3.26
N LEU A 20 -0.70 5.14 -4.59
CA LEU A 20 -1.43 4.00 -5.14
C LEU A 20 -0.61 2.75 -4.94
N LYS A 21 0.74 2.83 -5.07
CA LYS A 21 1.56 1.62 -4.96
C LYS A 21 2.25 1.51 -3.62
N CYS A 22 2.69 0.28 -3.29
CA CYS A 22 3.33 0.07 -2.00
C CYS A 22 4.70 0.71 -2.06
N PHE A 23 5.27 1.08 -0.90
CA PHE A 23 6.62 1.65 -0.88
C PHE A 23 7.55 0.66 -0.23
N ARG A 24 7.46 -0.59 -0.73
CA ARG A 24 8.40 -1.64 -0.35
C ARG A 24 8.52 -2.60 -1.52
N CYS A 25 7.40 -3.23 -1.95
CA CYS A 25 7.41 -4.12 -3.10
C CYS A 25 6.75 -3.51 -4.34
N GLY A 26 6.40 -2.21 -4.36
CA GLY A 26 5.84 -1.60 -5.56
C GLY A 26 4.56 -2.20 -6.06
N ALA A 27 3.85 -3.06 -5.28
CA ALA A 27 2.68 -3.72 -5.81
C ALA A 27 1.42 -2.91 -5.53
N ASP A 28 0.56 -2.69 -6.55
CA ASP A 28 -0.62 -1.84 -6.36
C ASP A 28 -1.66 -2.46 -5.47
N LYS A 29 -2.59 -1.63 -4.93
CA LYS A 29 -3.70 -2.16 -4.13
C LYS A 29 -4.29 -3.40 -4.73
N PHE A 30 -4.63 -3.40 -6.05
CA PHE A 30 -5.26 -4.58 -6.65
C PHE A 30 -4.27 -5.28 -7.54
N ASP A 31 -3.12 -5.64 -6.96
CA ASP A 31 -2.08 -6.33 -7.71
C ASP A 31 -1.14 -7.02 -6.71
N NH2 A 32 -0.56 -6.29 -5.74
HN1 NH2 A 32 -0.03 -6.76 -5.03
HN2 NH2 A 32 -0.63 -5.30 -5.70
C1 AQN B . 5.61 5.98 2.75
C2 AQN B . 5.61 5.96 4.16
C3 AQN B . 4.49 5.28 4.91
O3 AQN B . 3.56 4.78 4.31
C4 AQN B . 4.52 5.26 6.43
C5 AQN B . 3.45 4.73 7.14
C6 AQN B . 3.53 4.57 8.52
C7 AQN B . 4.67 5.00 9.21
C8 AQN B . 5.69 5.64 8.52
C9 AQN B . 5.61 5.77 7.13
C10 AQN B . 6.70 6.48 6.36
O10 AQN B . 7.62 7.00 6.98
C11 AQN B . 6.64 6.58 4.85
C12 AQN B . 7.61 7.30 4.16
C13 AQN B . 7.55 7.40 2.77
C14 AQN B . 6.54 6.75 2.06
S15 AQN B . 6.43 6.96 0.30
OS1 AQN B . 5.64 5.89 -0.26
OS2 AQN B . 5.64 8.23 0.22
OS3 AQN B . 7.77 7.20 -0.22
H1 AQN B . 4.87 5.40 2.20
H5 AQN B . 2.56 4.45 6.59
H6 AQN B . 2.73 4.12 9.09
H7 AQN B . 4.74 4.85 10.28
H8 AQN B . 6.54 6.02 9.07
H12 AQN B . 8.42 7.78 4.69
H13 AQN B . 8.30 7.98 2.24
ZN ZN C . 4.01 -4.16 -0.30
C ACE A 1 -10.62 12.46 2.35
O ACE A 1 -11.57 11.76 1.97
CH3 ACE A 1 -10.50 13.89 1.85
H1 ACE A 1 -9.55 14.02 1.32
H2 ACE A 1 -10.53 14.58 2.70
H3 ACE A 1 -11.33 14.11 1.18
N LYS A 2 -9.66 12.07 3.20
CA LYS A 2 -9.63 10.73 3.76
C LYS A 2 -8.31 10.11 3.39
N PHE A 3 -7.26 10.26 4.24
CA PHE A 3 -5.97 9.64 3.95
C PHE A 3 -5.94 8.30 4.63
N GLU A 4 -6.90 7.40 4.30
CA GLU A 4 -6.98 6.14 5.04
C GLU A 4 -5.97 5.16 4.50
N ASP A 5 -4.74 5.18 5.06
CA ASP A 5 -3.70 4.24 4.64
C ASP A 5 -4.18 2.81 4.47
N TRP A 6 -3.43 1.97 3.71
CA TRP A 6 -3.88 0.61 3.41
C TRP A 6 -2.79 -0.38 3.66
N LEU A 7 -3.13 -1.69 3.81
CA LEU A 7 -2.14 -2.70 4.17
C LEU A 7 -1.81 -3.55 2.97
N CYS A 8 -0.52 -3.65 2.59
CA CYS A 8 -0.19 -4.36 1.35
C CYS A 8 -0.53 -5.82 1.49
N ASN A 9 -0.86 -6.50 0.36
CA ASN A 9 -1.17 -7.92 0.41
C ASN A 9 0.01 -8.72 -0.10
N LYS A 10 1.24 -8.23 0.15
CA LYS A 10 2.45 -8.90 -0.33
C LYS A 10 3.47 -8.83 0.80
N CYS A 11 3.89 -7.61 1.19
CA CYS A 11 4.84 -7.43 2.29
C CYS A 11 4.21 -6.89 3.55
N CYS A 12 2.87 -6.77 3.63
CA CYS A 12 2.21 -6.38 4.88
C CYS A 12 2.69 -5.08 5.48
N LEU A 13 3.18 -4.10 4.68
CA LEU A 13 3.59 -2.81 5.25
C LEU A 13 2.38 -1.91 5.13
N ASN A 14 2.01 -1.13 6.17
CA ASN A 14 0.89 -0.21 6.00
C ASN A 14 1.36 0.99 5.18
N ASN A 15 0.89 1.20 3.93
CA ASN A 15 1.41 2.29 3.10
C ASN A 15 0.43 3.43 3.09
N PHE A 16 0.91 4.68 2.84
CA PHE A 16 -0.01 5.80 2.89
C PHE A 16 -1.10 5.68 1.85
N ARG A 17 -2.21 6.40 2.05
CA ARG A 17 -3.28 6.40 1.05
C ARG A 17 -2.79 7.07 -0.20
N LYS A 18 -2.17 8.26 -0.05
CA LYS A 18 -1.70 9.01 -1.21
C LYS A 18 -0.91 8.11 -2.11
N ARG A 19 -0.06 7.24 -1.49
CA ARG A 19 0.68 6.28 -2.30
C ARG A 19 -0.26 5.31 -2.93
N LEU A 20 -0.51 5.43 -4.27
CA LEU A 20 -1.24 4.38 -4.97
C LEU A 20 -0.50 3.07 -4.84
N LYS A 21 0.86 3.07 -4.89
CA LYS A 21 1.62 1.83 -4.88
C LYS A 21 2.33 1.59 -3.57
N CYS A 22 2.81 0.36 -3.34
CA CYS A 22 3.49 0.07 -2.08
C CYS A 22 4.87 0.69 -2.10
N PHE A 23 5.45 0.98 -0.91
CA PHE A 23 6.81 1.54 -0.85
C PHE A 23 7.74 0.50 -0.28
N ARG A 24 7.70 -0.69 -0.91
CA ARG A 24 8.58 -1.80 -0.52
C ARG A 24 8.64 -2.76 -1.68
N CYS A 25 7.49 -3.35 -2.12
CA CYS A 25 7.46 -4.21 -3.30
C CYS A 25 6.77 -3.59 -4.49
N GLY A 26 6.38 -2.30 -4.47
CA GLY A 26 5.76 -1.68 -5.64
C GLY A 26 4.47 -2.31 -6.10
N ALA A 27 3.88 -3.29 -5.38
CA ALA A 27 2.63 -3.88 -5.85
C ALA A 27 1.51 -2.97 -5.45
N ASP A 28 0.51 -2.72 -6.33
CA ASP A 28 -0.58 -1.84 -5.93
C ASP A 28 -1.50 -2.60 -5.03
N LYS A 29 -2.23 -1.93 -4.12
CA LYS A 29 -3.22 -2.64 -3.31
C LYS A 29 -4.20 -3.38 -4.20
N PHE A 30 -4.44 -2.93 -5.46
CA PHE A 30 -5.48 -3.55 -6.28
C PHE A 30 -4.91 -4.57 -7.23
N ASP A 31 -3.69 -5.11 -6.99
CA ASP A 31 -3.12 -6.12 -7.88
C ASP A 31 -2.03 -6.87 -7.13
N NH2 A 32 -1.34 -7.83 -7.79
HN1 NH2 A 32 -0.61 -8.32 -7.32
HN2 NH2 A 32 -1.53 -8.05 -8.75
C1 AQN B . 5.73 5.92 3.16
C2 AQN B . 5.84 5.75 4.54
C3 AQN B . 4.82 4.91 5.30
O3 AQN B . 3.89 4.41 4.70
C4 AQN B . 4.98 4.70 6.79
C5 AQN B . 4.04 3.93 7.49
C6 AQN B . 4.21 3.68 8.85
C7 AQN B . 5.30 4.24 9.53
C8 AQN B . 6.21 5.04 8.84
C9 AQN B . 6.05 5.27 7.47
C10 AQN B . 7.05 6.14 6.73
O10 AQN B . 7.97 6.66 7.34
C11 AQN B . 6.90 6.35 5.24
C12 AQN B . 7.81 7.16 4.56
C13 AQN B . 7.69 7.34 3.18
C14 AQN B . 6.67 6.70 2.48
S15 AQN B . 6.54 6.93 0.72
OS1 AQN B . 5.89 5.77 0.17
OS2 AQN B . 5.60 8.09 0.66
OS3 AQN B . 7.82 7.35 0.19
H1 AQN B . 4.93 5.44 2.62
H5 AQN B . 3.18 3.53 6.99
H6 AQN B . 3.51 3.05 9.38
H7 AQN B . 5.44 4.06 10.58
H8 AQN B . 7.04 5.50 9.38
H12 AQN B . 8.61 7.65 5.09
H13 AQN B . 8.39 7.97 2.66
ZN ZN C . 4.18 -4.25 -0.41
C ACE A 1 -7.68 13.79 5.55
O ACE A 1 -7.67 13.15 6.62
CH3 ACE A 1 -7.23 15.22 5.52
H1 ACE A 1 -8.04 15.87 5.19
H2 ACE A 1 -6.38 15.34 4.85
H3 ACE A 1 -6.92 15.52 6.53
N LYS A 2 -8.09 13.30 4.36
CA LYS A 2 -8.55 11.91 4.27
C LYS A 2 -7.35 11.00 4.29
N PHE A 3 -6.90 10.61 5.50
CA PHE A 3 -5.78 9.66 5.60
C PHE A 3 -6.32 8.26 5.69
N GLU A 4 -6.91 7.71 4.60
CA GLU A 4 -7.37 6.33 4.63
C GLU A 4 -6.25 5.38 4.25
N ASP A 5 -5.11 5.43 4.96
CA ASP A 5 -3.99 4.55 4.64
C ASP A 5 -4.41 3.12 4.46
N TRP A 6 -3.59 2.31 3.72
CA TRP A 6 -3.96 0.92 3.44
C TRP A 6 -2.76 0.06 3.68
N LEU A 7 -2.93 -1.29 3.72
CA LEU A 7 -1.83 -2.17 4.07
C LEU A 7 -1.62 -3.17 2.97
N CYS A 8 -0.35 -3.41 2.55
CA CYS A 8 -0.10 -4.21 1.36
C CYS A 8 -0.21 -5.67 1.72
N ASN A 9 -1.11 -6.43 1.06
CA ASN A 9 -1.22 -7.86 1.39
C ASN A 9 0.00 -8.61 0.89
N LYS A 10 0.75 -8.06 -0.09
CA LYS A 10 1.87 -8.81 -0.65
C LYS A 10 3.02 -8.87 0.32
N CYS A 11 3.52 -7.70 0.81
CA CYS A 11 4.61 -7.68 1.76
C CYS A 11 4.16 -7.35 3.17
N CYS A 12 2.84 -7.25 3.45
CA CYS A 12 2.38 -7.04 4.81
C CYS A 12 2.95 -5.79 5.46
N LEU A 13 3.04 -4.65 4.72
CA LEU A 13 3.55 -3.41 5.30
C LEU A 13 2.50 -2.33 5.17
N ASN A 14 2.35 -1.42 6.17
CA ASN A 14 1.41 -0.32 6.02
C ASN A 14 1.77 0.51 4.81
N ASN A 15 0.84 1.31 4.26
CA ASN A 15 1.16 2.16 3.11
C ASN A 15 0.31 3.40 3.17
N PHE A 16 0.68 4.51 2.50
CA PHE A 16 -0.11 5.75 2.64
C PHE A 16 -1.27 5.75 1.68
N ARG A 17 -2.29 6.61 1.93
CA ARG A 17 -3.42 6.71 1.02
C ARG A 17 -2.97 7.22 -0.32
N LYS A 18 -2.35 8.42 -0.33
CA LYS A 18 -1.95 9.00 -1.60
C LYS A 18 -1.09 8.07 -2.41
N ARG A 19 -0.35 7.14 -1.76
CA ARG A 19 0.47 6.23 -2.54
C ARG A 19 -0.44 5.21 -3.18
N LEU A 20 -0.50 5.18 -4.53
CA LEU A 20 -1.36 4.19 -5.19
C LEU A 20 -0.66 2.84 -5.15
N LYS A 21 0.69 2.79 -5.18
CA LYS A 21 1.40 1.51 -5.01
C LYS A 21 2.07 1.41 -3.68
N CYS A 22 2.48 0.20 -3.26
CA CYS A 22 3.11 0.03 -1.94
C CYS A 22 4.42 0.77 -1.90
N PHE A 23 4.88 1.14 -0.68
CA PHE A 23 6.18 1.76 -0.50
C PHE A 23 7.16 0.73 0.04
N ARG A 24 7.21 -0.44 -0.63
CA ARG A 24 8.20 -1.48 -0.32
C ARG A 24 8.40 -2.33 -1.56
N CYS A 25 7.33 -3.00 -2.05
CA CYS A 25 7.43 -3.85 -3.23
C CYS A 25 6.83 -3.21 -4.46
N GLY A 26 6.37 -1.93 -4.41
CA GLY A 26 5.82 -1.30 -5.61
C GLY A 26 4.64 -2.03 -6.20
N ALA A 27 3.97 -2.93 -5.44
CA ALA A 27 2.83 -3.64 -6.00
C ALA A 27 1.58 -2.87 -5.69
N ASP A 28 0.58 -2.86 -6.59
CA ASP A 28 -0.64 -2.09 -6.32
C ASP A 28 -1.47 -2.83 -5.31
N LYS A 29 -2.47 -2.13 -4.70
CA LYS A 29 -3.37 -2.81 -3.78
C LYS A 29 -4.02 -3.99 -4.48
N PHE A 30 -4.27 -3.89 -5.81
CA PHE A 30 -4.93 -4.97 -6.52
C PHE A 30 -3.98 -5.74 -7.42
N ASP A 31 -2.67 -5.81 -7.07
CA ASP A 31 -1.73 -6.52 -7.94
C ASP A 31 -0.49 -6.89 -7.12
N NH2 A 32 0.44 -7.70 -7.67
HN1 NH2 A 32 1.26 -7.94 -7.14
HN2 NH2 A 32 0.33 -8.07 -8.59
C1 AQN B . 5.11 6.10 3.18
C2 AQN B . 5.57 5.47 4.35
C3 AQN B . 5.25 4.03 4.63
O3 AQN B . 4.59 3.38 3.83
C4 AQN B . 5.75 3.37 5.89
C5 AQN B . 5.42 2.04 6.19
C6 AQN B . 5.92 1.42 7.33
C7 AQN B . 6.75 2.14 8.20
C8 AQN B . 7.06 3.46 7.93
C9 AQN B . 6.55 4.09 6.78
C10 AQN B . 6.89 5.53 6.50
O10 AQN B . 7.59 6.15 7.28
C11 AQN B . 6.35 6.20 5.25
C12 AQN B . 6.64 7.54 5.01
C13 AQN B . 6.19 8.15 3.84
C14 AQN B . 5.47 7.41 2.89
S15 AQN B . 5.03 8.16 1.34
OS1 AQN B . 5.43 7.24 0.29
OS2 AQN B . 3.54 8.17 1.42
OS3 AQN B . 5.49 9.53 1.30
H1 AQN B . 4.47 5.55 2.49
H5 AQN B . 4.76 1.49 5.53
H6 AQN B . 5.67 0.39 7.53
H7 AQN B . 7.15 1.64 9.08
H8 AQN B . 7.69 4.02 8.61
H12 AQN B . 7.21 8.11 5.72
H13 AQN B . 6.41 9.20 3.66
ZN ZN C . 4.02 -4.18 -0.45
C ACE A 1 -2.01 11.69 6.09
O ACE A 1 -1.79 11.14 5.00
CH3 ACE A 1 -1.50 13.08 6.35
H1 ACE A 1 -0.81 13.08 7.20
H2 ACE A 1 -2.34 13.75 6.56
H3 ACE A 1 -0.98 13.44 5.47
N LYS A 2 -2.69 11.13 7.12
CA LYS A 2 -3.23 9.78 6.99
C LYS A 2 -4.58 9.88 6.33
N PHE A 3 -4.66 9.78 4.98
CA PHE A 3 -5.95 9.80 4.31
C PHE A 3 -6.46 8.39 4.18
N GLU A 4 -6.76 7.71 5.31
CA GLU A 4 -7.26 6.34 5.25
C GLU A 4 -6.33 5.43 4.47
N ASP A 5 -5.09 5.29 4.99
CA ASP A 5 -4.10 4.39 4.40
C ASP A 5 -4.59 2.96 4.23
N TRP A 6 -3.81 2.08 3.57
CA TRP A 6 -4.24 0.69 3.34
C TRP A 6 -3.12 -0.28 3.61
N LEU A 7 -3.46 -1.58 3.83
CA LEU A 7 -2.44 -2.58 4.16
C LEU A 7 -2.08 -3.34 2.90
N CYS A 8 -0.78 -3.47 2.57
CA CYS A 8 -0.42 -4.20 1.35
C CYS A 8 -0.63 -5.68 1.59
N ASN A 9 -0.95 -6.45 0.53
CA ASN A 9 -1.21 -7.87 0.69
C ASN A 9 -0.08 -8.63 0.04
N LYS A 10 1.16 -8.17 0.32
CA LYS A 10 2.36 -8.76 -0.25
C LYS A 10 3.45 -8.69 0.81
N CYS A 11 3.82 -7.47 1.26
CA CYS A 11 4.80 -7.30 2.33
C CYS A 11 4.16 -7.00 3.68
N CYS A 12 2.82 -6.94 3.79
CA CYS A 12 2.18 -6.73 5.09
C CYS A 12 2.58 -5.44 5.76
N LEU A 13 2.71 -4.33 4.98
CA LEU A 13 3.02 -3.03 5.58
C LEU A 13 1.89 -2.07 5.26
N ASN A 14 1.60 -1.12 6.16
CA ASN A 14 0.69 -0.02 5.82
C ASN A 14 1.25 0.84 4.71
N ASN A 15 0.38 1.56 3.93
CA ASN A 15 0.89 2.47 2.91
C ASN A 15 -0.09 3.58 2.64
N PHE A 16 0.40 4.79 2.28
CA PHE A 16 -0.50 5.94 2.18
C PHE A 16 -1.57 5.70 1.14
N ARG A 17 -2.70 6.45 1.21
CA ARG A 17 -3.79 6.24 0.25
C ARG A 17 -3.47 6.83 -1.10
N LYS A 18 -3.12 8.13 -1.16
CA LYS A 18 -2.76 8.72 -2.45
C LYS A 18 -1.82 7.80 -3.19
N ARG A 19 -0.91 7.12 -2.47
CA ARG A 19 -0.03 6.18 -3.16
C ARG A 19 -0.88 5.04 -3.67
N LEU A 20 -1.08 4.91 -5.01
CA LEU A 20 -1.75 3.72 -5.50
C LEU A 20 -0.86 2.54 -5.19
N LYS A 21 0.49 2.68 -5.30
CA LYS A 21 1.38 1.55 -5.07
C LYS A 21 1.90 1.50 -3.66
N CYS A 22 2.40 0.31 -3.24
CA CYS A 22 2.89 0.17 -1.88
C CYS A 22 4.17 0.97 -1.80
N PHE A 23 4.53 1.44 -0.59
CA PHE A 23 5.78 2.17 -0.40
C PHE A 23 6.77 1.26 0.27
N ARG A 24 6.88 0.01 -0.25
CA ARG A 24 7.90 -0.93 0.19
C ARG A 24 8.22 -1.84 -0.97
N CYS A 25 7.23 -2.60 -1.48
CA CYS A 25 7.44 -3.50 -2.62
C CYS A 25 6.83 -2.99 -3.92
N GLY A 26 6.27 -1.75 -3.99
CA GLY A 26 5.72 -1.28 -5.25
C GLY A 26 4.48 -2.00 -5.74
N ALA A 27 3.90 -2.94 -4.96
CA ALA A 27 2.75 -3.68 -5.45
C ALA A 27 1.50 -2.83 -5.44
N ASP A 28 0.78 -2.71 -6.58
CA ASP A 28 -0.48 -1.98 -6.58
C ASP A 28 -1.48 -2.58 -5.63
N LYS A 29 -2.51 -1.80 -5.20
CA LYS A 29 -3.59 -2.38 -4.41
C LYS A 29 -4.01 -3.73 -4.94
N PHE A 30 -4.19 -3.87 -6.27
CA PHE A 30 -4.67 -5.13 -6.84
C PHE A 30 -3.58 -5.67 -7.75
N ASP A 31 -2.35 -5.82 -7.21
CA ASP A 31 -1.25 -6.24 -8.06
C ASP A 31 -1.44 -7.71 -8.46
N NH2 A 32 -0.75 -8.17 -9.53
HN1 NH2 A 32 -0.86 -9.13 -9.81
HN2 NH2 A 32 -0.14 -7.58 -10.05
C1 AQN B . 4.53 6.69 2.54
C2 AQN B . 4.80 6.31 3.85
C3 AQN B . 4.53 4.89 4.31
O3 AQN B . 4.04 4.09 3.53
C4 AQN B . 4.87 4.48 5.72
C5 AQN B . 4.62 3.18 6.14
C6 AQN B . 4.99 2.73 7.41
C7 AQN B . 5.58 3.64 8.30
C8 AQN B . 5.79 4.96 7.91
C9 AQN B . 5.45 5.38 6.62
C10 AQN B . 5.68 6.80 6.17
O10 AQN B . 6.16 7.61 6.96
C11 AQN B . 5.34 7.23 4.75
C12 AQN B . 5.55 8.55 4.35
C13 AQN B . 5.29 8.93 3.03
C14 AQN B . 4.83 7.98 2.11
S15 AQN B . 4.60 8.42 0.42
OS1 AQN B . 5.27 9.68 0.14
OS2 AQN B . 4.92 7.25 -0.39
OS3 AQN B . 3.12 8.64 0.42
H1 AQN B . 4.09 5.98 1.84
H5 AQN B . 4.13 2.50 5.46
H6 AQN B . 4.83 1.70 7.70
H7 AQN B . 5.87 3.32 9.29
H8 AQN B . 6.22 5.66 8.61
H12 AQN B . 5.91 9.29 5.04
H13 AQN B . 5.44 9.95 2.72
ZN ZN C . 3.89 -4.00 -0.06
C ACE A 1 -7.61 13.66 4.88
O ACE A 1 -7.61 13.31 6.07
CH3 ACE A 1 -7.22 15.08 4.52
H1 ACE A 1 -8.05 15.56 4.01
H2 ACE A 1 -6.35 15.06 3.86
H3 ACE A 1 -6.96 15.62 5.43
N LYS A 2 -7.94 12.87 3.85
CA LYS A 2 -8.34 11.49 4.06
C LYS A 2 -7.13 10.61 3.84
N PHE A 3 -6.31 10.41 4.89
CA PHE A 3 -5.12 9.55 4.78
C PHE A 3 -5.53 8.18 5.26
N GLU A 4 -6.43 7.50 4.52
CA GLU A 4 -6.88 6.18 4.95
C GLU A 4 -5.89 5.14 4.44
N ASP A 5 -4.71 5.08 5.08
CA ASP A 5 -3.65 4.16 4.68
C ASP A 5 -4.14 2.74 4.51
N TRP A 6 -3.38 1.88 3.77
CA TRP A 6 -3.82 0.51 3.54
C TRP A 6 -2.67 -0.45 3.71
N LEU A 7 -2.99 -1.75 3.97
CA LEU A 7 -1.95 -2.75 4.17
C LEU A 7 -1.74 -3.48 2.87
N CYS A 8 -0.48 -3.69 2.43
CA CYS A 8 -0.29 -4.34 1.13
C CYS A 8 -0.73 -5.78 1.25
N ASN A 9 -1.09 -6.41 0.10
CA ASN A 9 -1.46 -7.82 0.11
C ASN A 9 -0.30 -8.62 -0.44
N LYS A 10 0.94 -8.21 -0.11
CA LYS A 10 2.13 -8.86 -0.66
C LYS A 10 3.18 -8.88 0.43
N CYS A 11 3.64 -7.70 0.94
CA CYS A 11 4.56 -7.67 2.08
C CYS A 11 3.94 -7.11 3.34
N CYS A 12 2.60 -7.02 3.45
CA CYS A 12 1.99 -6.56 4.69
C CYS A 12 2.62 -5.31 5.28
N LEU A 13 2.92 -4.27 4.45
CA LEU A 13 3.44 -3.02 4.97
C LEU A 13 2.33 -2.00 4.93
N ASN A 14 2.13 -1.17 6.00
CA ASN A 14 1.06 -0.18 5.97
C ASN A 14 1.57 1.10 5.33
N ASN A 15 0.92 1.61 4.25
CA ASN A 15 1.44 2.78 3.55
C ASN A 15 0.32 3.73 3.23
N PHE A 16 0.63 5.04 3.03
CA PHE A 16 -0.43 6.03 2.88
C PHE A 16 -1.37 5.71 1.73
N ARG A 17 -2.58 6.32 1.76
CA ARG A 17 -3.54 6.07 0.70
C ARG A 17 -3.07 6.74 -0.57
N LYS A 18 -2.62 8.01 -0.43
CA LYS A 18 -2.16 8.74 -1.61
C LYS A 18 -1.29 7.87 -2.46
N ARG A 19 -0.30 7.16 -1.86
CA ARG A 19 0.52 6.27 -2.67
C ARG A 19 -0.39 5.29 -3.37
N LEU A 20 -0.39 5.25 -4.72
CA LEU A 20 -1.22 4.27 -5.40
C LEU A 20 -0.55 2.91 -5.30
N LYS A 21 0.81 2.82 -5.27
CA LYS A 21 1.47 1.52 -5.10
C LYS A 21 2.12 1.42 -3.73
N CYS A 22 2.49 0.21 -3.26
CA CYS A 22 3.07 0.11 -1.93
C CYS A 22 4.37 0.87 -1.90
N PHE A 23 4.78 1.40 -0.72
CA PHE A 23 6.08 2.06 -0.62
C PHE A 23 7.05 1.08 0.00
N ARG A 24 7.14 -0.13 -0.57
CA ARG A 24 8.14 -1.10 -0.14
C ARG A 24 8.41 -2.07 -1.28
N CYS A 25 7.41 -2.85 -1.75
CA CYS A 25 7.61 -3.75 -2.89
C CYS A 25 6.95 -3.24 -4.17
N GLY A 26 6.46 -1.99 -4.22
CA GLY A 26 5.92 -1.46 -5.46
C GLY A 26 4.74 -2.19 -6.03
N ALA A 27 4.04 -3.06 -5.25
CA ALA A 27 2.88 -3.74 -5.81
C ALA A 27 1.62 -3.02 -5.38
N ASP A 28 0.63 -2.85 -6.27
CA ASP A 28 -0.59 -2.16 -5.87
C ASP A 28 -1.38 -2.99 -4.87
N LYS A 29 -2.16 -2.36 -3.98
CA LYS A 29 -3.05 -3.13 -3.12
C LYS A 29 -3.93 -4.06 -3.93
N PHE A 30 -4.26 -3.73 -5.21
CA PHE A 30 -5.21 -4.54 -5.98
C PHE A 30 -4.51 -5.14 -7.18
N ASP A 31 -3.21 -5.49 -7.04
CA ASP A 31 -2.48 -6.10 -8.16
C ASP A 31 -2.58 -7.62 -8.08
N NH2 A 32 -2.38 -8.23 -6.89
HN1 NH2 A 32 -2.46 -9.23 -6.82
HN2 NH2 A 32 -2.18 -7.71 -6.07
C1 AQN B . 4.62 6.92 3.37
C2 AQN B . 4.71 6.71 4.75
C3 AQN B . 3.68 5.88 5.47
O3 AQN B . 2.67 5.53 4.88
C4 AQN B . 3.88 5.50 6.92
C5 AQN B . 3.01 4.61 7.56
C6 AQN B . 3.19 4.27 8.89
C7 AQN B . 4.26 4.82 9.61
C8 AQN B . 5.15 5.69 8.97
C9 AQN B . 4.97 6.03 7.63
C10 AQN B . 5.93 6.97 6.93
O10 AQN B . 6.84 7.47 7.56
C11 AQN B . 5.75 7.29 5.47
C12 AQN B . 6.65 8.16 4.82
C13 AQN B . 6.48 8.45 3.46
C14 AQN B . 5.45 7.84 2.74
S15 AQN B . 5.21 8.19 1.03
OS1 AQN B . 6.08 7.32 0.26
OS2 AQN B . 3.79 8.21 0.76
OS3 AQN B . 5.71 9.60 0.89
H1 AQN B . 3.89 6.37 2.79
H5 AQN B . 2.17 4.18 7.00
H6 AQN B . 2.51 3.58 9.38
H7 AQN B . 4.41 4.56 10.64
H8 AQN B . 5.98 6.10 9.54
H12 AQN B . 7.46 8.62 5.36
H13 AQN B . 7.15 9.14 2.98
ZN ZN C . 3.96 -4.14 -0.50
C ACE A 1 -8.64 13.14 3.46
O ACE A 1 -7.84 13.16 4.41
CH3 ACE A 1 -8.79 14.35 2.56
H1 ACE A 1 -9.81 14.71 2.59
H2 ACE A 1 -8.54 14.08 1.54
H3 ACE A 1 -8.10 15.12 2.91
N LYS A 2 -9.42 12.09 3.14
CA LYS A 2 -9.36 10.88 3.93
C LYS A 2 -8.11 10.12 3.55
N PHE A 3 -6.97 10.40 4.20
CA PHE A 3 -5.77 9.63 3.87
C PHE A 3 -5.76 8.33 4.63
N GLU A 4 -6.69 7.39 4.32
CA GLU A 4 -6.73 6.12 5.04
C GLU A 4 -5.71 5.16 4.49
N ASP A 5 -4.50 5.12 5.10
CA ASP A 5 -3.48 4.14 4.70
C ASP A 5 -4.02 2.73 4.49
N TRP A 6 -3.30 1.86 3.75
CA TRP A 6 -3.77 0.51 3.45
C TRP A 6 -2.71 -0.51 3.71
N LEU A 7 -3.09 -1.79 3.97
CA LEU A 7 -2.10 -2.82 4.24
C LEU A 7 -1.75 -3.48 2.93
N CYS A 8 -0.47 -3.79 2.67
CA CYS A 8 -0.11 -4.41 1.39
C CYS A 8 -0.57 -5.84 1.43
N ASN A 9 -0.75 -6.49 0.25
CA ASN A 9 -1.11 -7.90 0.23
C ASN A 9 0.10 -8.69 -0.22
N LYS A 10 1.31 -8.24 0.17
CA LYS A 10 2.55 -8.88 -0.25
C LYS A 10 3.51 -8.80 0.91
N CYS A 11 3.91 -7.56 1.32
CA CYS A 11 4.79 -7.39 2.48
C CYS A 11 4.08 -6.82 3.69
N CYS A 12 2.72 -6.84 3.73
CA CYS A 12 1.99 -6.43 4.92
C CYS A 12 2.43 -5.11 5.55
N LEU A 13 2.82 -4.10 4.74
CA LEU A 13 3.22 -2.82 5.29
C LEU A 13 2.05 -1.86 5.22
N ASN A 14 1.95 -0.90 6.17
CA ASN A 14 0.85 0.08 6.16
C ASN A 14 1.23 1.24 5.26
N ASN A 15 0.91 1.18 3.96
CA ASN A 15 1.34 2.24 3.05
C ASN A 15 0.37 3.38 3.07
N PHE A 16 0.82 4.60 2.74
CA PHE A 16 -0.09 5.75 2.82
C PHE A 16 -1.22 5.57 1.84
N ARG A 17 -2.31 6.34 2.03
CA ARG A 17 -3.41 6.29 1.07
C ARG A 17 -2.97 6.85 -0.25
N LYS A 18 -2.43 8.09 -0.24
CA LYS A 18 -2.09 8.74 -1.50
C LYS A 18 -1.19 7.82 -2.29
N ARG A 19 -0.36 6.98 -1.62
CA ARG A 19 0.45 6.05 -2.37
C ARG A 19 -0.45 5.08 -3.08
N LEU A 20 -0.60 5.21 -4.41
CA LEU A 20 -1.22 4.13 -5.17
C LEU A 20 -0.45 2.84 -5.02
N LYS A 21 0.91 2.88 -4.83
CA LYS A 21 1.70 1.65 -4.82
C LYS A 21 2.53 1.51 -3.58
N CYS A 22 2.96 0.26 -3.26
CA CYS A 22 3.66 0.05 -2.00
C CYS A 22 4.96 0.78 -2.02
N PHE A 23 5.55 1.11 -0.84
CA PHE A 23 6.85 1.78 -0.81
C PHE A 23 7.90 0.75 -0.44
N ARG A 24 7.81 -0.47 -1.01
CA ARG A 24 8.76 -1.53 -0.69
C ARG A 24 8.77 -2.58 -1.77
N CYS A 25 7.62 -3.22 -2.11
CA CYS A 25 7.54 -4.14 -3.24
C CYS A 25 6.70 -3.59 -4.38
N GLY A 26 6.43 -2.27 -4.45
CA GLY A 26 5.64 -1.69 -5.53
C GLY A 26 4.40 -2.43 -5.95
N ALA A 27 3.80 -3.32 -5.13
CA ALA A 27 2.59 -4.01 -5.56
C ALA A 27 1.42 -3.10 -5.26
N ASP A 28 0.52 -2.84 -6.23
CA ASP A 28 -0.59 -1.94 -5.92
C ASP A 28 -1.55 -2.67 -5.01
N LYS A 29 -2.25 -1.95 -4.10
CA LYS A 29 -3.24 -2.64 -3.27
C LYS A 29 -4.27 -3.36 -4.11
N PHE A 30 -4.55 -2.91 -5.36
CA PHE A 30 -5.60 -3.54 -6.16
C PHE A 30 -5.00 -4.26 -7.35
N ASP A 31 -3.69 -4.62 -7.34
CA ASP A 31 -3.13 -5.33 -8.48
C ASP A 31 -1.84 -6.06 -8.09
N NH2 A 32 -1.83 -6.79 -6.96
HN1 NH2 A 32 -1.00 -7.27 -6.67
HN2 NH2 A 32 -2.66 -6.89 -6.40
C1 AQN B . 4.60 7.59 2.27
C2 AQN B . 5.46 6.97 3.18
C3 AQN B . 5.32 5.49 3.47
O3 AQN B . 4.47 4.84 2.90
C4 AQN B . 6.24 4.85 4.46
C5 AQN B . 6.07 3.50 4.79
C6 AQN B . 6.92 2.88 5.71
C7 AQN B . 7.99 3.60 6.26
C8 AQN B . 8.16 4.95 5.95
C9 AQN B . 7.27 5.57 5.07
C10 AQN B . 7.39 7.06 4.79
O10 AQN B . 8.26 7.71 5.35
C11 AQN B . 6.43 7.74 3.84
C12 AQN B . 6.50 9.11 3.58
C13 AQN B . 5.66 9.71 2.65
C14 AQN B . 4.71 8.95 1.97
S15 AQN B . 3.69 9.68 0.70
OS1 AQN B . 4.21 9.25 -0.59
OS2 AQN B . 2.39 8.99 0.93
OS3 AQN B . 3.53 11.09 0.98
H1 AQN B . 3.87 6.99 1.78
H5 AQN B . 5.28 2.94 4.32
H6 AQN B . 6.76 1.86 6.02
H7 AQN B . 8.67 3.10 6.93
H8 AQN B . 8.98 5.49 6.40
H12 AQN B . 7.24 9.72 4.09
H13 AQN B . 5.73 10.78 2.46
ZN ZN C . 4.33 -4.17 -0.23
C ACE A 1 -5.63 12.09 1.62
O ACE A 1 -5.49 11.04 1.00
CH3 ACE A 1 -5.87 13.39 0.88
H1 ACE A 1 -5.07 14.10 1.10
H2 ACE A 1 -6.82 13.82 1.20
H3 ACE A 1 -5.90 13.18 -0.18
N LYS A 2 -5.57 12.21 2.97
CA LYS A 2 -5.33 11.03 3.79
C LYS A 2 -6.66 10.43 4.15
N PHE A 3 -7.23 9.59 3.24
CA PHE A 3 -8.49 8.92 3.49
C PHE A 3 -8.21 7.56 4.11
N GLU A 4 -7.47 7.55 5.24
CA GLU A 4 -7.14 6.31 5.94
C GLU A 4 -6.10 5.50 5.19
N ASP A 5 -4.95 5.16 5.82
CA ASP A 5 -3.90 4.41 5.15
C ASP A 5 -4.35 3.00 4.84
N TRP A 6 -3.53 2.16 4.16
CA TRP A 6 -3.93 0.80 3.82
C TRP A 6 -2.78 -0.16 3.99
N LEU A 7 -3.08 -1.48 4.11
CA LEU A 7 -2.04 -2.47 4.37
C LEU A 7 -1.79 -3.28 3.13
N CYS A 8 -0.53 -3.39 2.64
CA CYS A 8 -0.28 -4.15 1.42
C CYS A 8 -0.44 -5.62 1.75
N ASN A 9 -1.23 -6.39 0.96
CA ASN A 9 -1.38 -7.82 1.25
C ASN A 9 -0.29 -8.63 0.60
N LYS A 10 0.63 -8.01 -0.15
CA LYS A 10 1.71 -8.72 -0.84
C LYS A 10 2.88 -8.81 0.13
N CYS A 11 3.29 -7.69 0.77
CA CYS A 11 4.36 -7.72 1.75
C CYS A 11 3.92 -7.37 3.16
N CYS A 12 2.62 -7.17 3.45
CA CYS A 12 2.21 -6.92 4.83
C CYS A 12 2.87 -5.71 5.46
N LEU A 13 2.92 -4.57 4.74
CA LEU A 13 3.51 -3.34 5.28
C LEU A 13 2.56 -2.19 5.02
N ASN A 14 2.51 -1.16 5.90
CA ASN A 14 1.48 -0.12 5.77
C ASN A 14 1.93 1.01 4.87
N ASN A 15 0.98 1.67 4.18
CA ASN A 15 1.36 2.65 3.16
C ASN A 15 0.39 3.80 3.19
N PHE A 16 0.81 5.07 2.97
CA PHE A 16 -0.16 6.16 3.04
C PHE A 16 -1.20 6.00 1.96
N ARG A 17 -2.36 6.70 2.12
CA ARG A 17 -3.44 6.54 1.16
C ARG A 17 -3.08 7.12 -0.17
N LYS A 18 -2.57 8.38 -0.19
CA LYS A 18 -2.16 8.98 -1.45
C LYS A 18 -1.37 8.02 -2.29
N ARG A 19 -0.57 7.12 -1.68
CA ARG A 19 0.20 6.20 -2.50
C ARG A 19 -0.75 5.13 -3.00
N LEU A 20 -1.12 5.15 -4.30
CA LEU A 20 -1.89 4.04 -4.87
C LEU A 20 -1.09 2.75 -4.90
N LYS A 21 0.22 2.74 -4.60
CA LYS A 21 1.01 1.51 -4.70
C LYS A 21 1.95 1.38 -3.53
N CYS A 22 2.44 0.16 -3.25
CA CYS A 22 3.19 -0.03 -2.02
C CYS A 22 4.51 0.68 -2.14
N PHE A 23 5.05 1.23 -1.03
CA PHE A 23 6.35 1.89 -1.08
C PHE A 23 7.42 0.97 -0.52
N ARG A 24 7.27 -0.36 -0.74
CA ARG A 24 8.29 -1.33 -0.36
C ARG A 24 8.39 -2.34 -1.47
N CYS A 25 7.35 -3.18 -1.73
CA CYS A 25 7.39 -4.07 -2.88
C CYS A 25 7.03 -3.40 -4.19
N GLY A 26 6.53 -2.14 -4.19
CA GLY A 26 6.21 -1.49 -5.46
C GLY A 26 4.99 -2.05 -6.14
N ALA A 27 4.23 -2.99 -5.52
CA ALA A 27 3.10 -3.59 -6.21
C ALA A 27 1.87 -2.78 -5.94
N ASP A 28 0.90 -2.74 -6.89
CA ASP A 28 -0.27 -1.90 -6.68
C ASP A 28 -1.18 -2.51 -5.64
N LYS A 29 -2.08 -1.68 -5.06
CA LYS A 29 -3.06 -2.20 -4.11
C LYS A 29 -3.85 -3.33 -4.72
N PHE A 30 -4.09 -3.33 -6.05
CA PHE A 30 -4.88 -4.39 -6.67
C PHE A 30 -4.00 -5.33 -7.46
N ASP A 31 -2.82 -5.69 -6.88
CA ASP A 31 -1.89 -6.60 -7.55
C ASP A 31 -1.04 -7.30 -6.49
N NH2 A 32 -0.25 -6.54 -5.70
HN1 NH2 A 32 0.32 -6.97 -5.00
HN2 NH2 A 32 -0.20 -5.54 -5.80
C1 AQN B . 5.31 6.18 3.26
C2 AQN B . 5.36 5.84 4.62
C3 AQN B . 4.20 5.14 5.28
O3 AQN B . 3.16 4.97 4.67
C4 AQN B . 4.33 4.63 6.71
C5 AQN B . 3.31 3.89 7.29
C6 AQN B . 3.44 3.42 8.60
C7 AQN B . 4.59 3.72 9.34
C8 AQN B . 5.62 4.46 8.75
C9 AQN B . 5.48 4.91 7.44
C10 AQN B . 6.60 5.72 6.81
O10 AQN B . 7.59 6.00 7.46
C11 AQN B . 6.48 6.18 5.37
C12 AQN B . 7.51 6.93 4.80
C13 AQN B . 7.42 7.33 3.45
C14 AQN B . 6.33 6.93 2.68
S15 AQN B . 6.24 7.40 0.97
OS1 AQN B . 5.53 6.37 0.25
OS2 AQN B . 5.37 8.63 1.03
OS3 AQN B . 7.56 7.80 0.51
H1 AQN B . 4.47 5.85 2.65
H5 AQN B . 2.40 3.67 6.73
H6 AQN B . 2.67 2.82 9.07
H7 AQN B . 4.69 3.36 10.35
H8 AQN B . 6.50 4.69 9.34
H12 AQN B . 8.38 7.21 5.38
H13 AQN B . 8.20 7.95 3.03
ZN ZN C . 3.85 -4.15 -0.43
C ACE A 1 -9.75 13.45 3.00
O ACE A 1 -10.60 12.89 2.31
CH3 ACE A 1 -9.47 14.93 2.83
H1 ACE A 1 -8.43 15.07 2.54
H2 ACE A 1 -9.66 15.46 3.75
H3 ACE A 1 -10.12 15.32 2.04
N LYS A 2 -9.01 12.84 3.95
CA LYS A 2 -9.15 11.43 4.26
C LYS A 2 -7.80 10.80 4.10
N PHE A 3 -7.13 10.40 5.21
CA PHE A 3 -5.81 9.75 5.14
C PHE A 3 -5.98 8.30 5.53
N GLU A 4 -6.98 7.64 4.92
CA GLU A 4 -7.28 6.25 5.24
C GLU A 4 -6.21 5.36 4.65
N ASP A 5 -5.05 5.29 5.32
CA ASP A 5 -3.95 4.46 4.84
C ASP A 5 -4.36 3.02 4.64
N TRP A 6 -3.52 2.21 3.96
CA TRP A 6 -3.87 0.82 3.66
C TRP A 6 -2.68 -0.05 3.93
N LEU A 7 -2.84 -1.39 3.87
CA LEU A 7 -1.76 -2.29 4.28
C LEU A 7 -1.57 -3.32 3.19
N CYS A 8 -0.47 -3.22 2.40
CA CYS A 8 -0.26 -4.11 1.27
C CYS A 8 -0.42 -5.54 1.73
N ASN A 9 -1.28 -6.34 1.06
CA ASN A 9 -1.48 -7.72 1.49
C ASN A 9 -0.41 -8.64 0.94
N LYS A 10 0.49 -8.14 0.06
CA LYS A 10 1.51 -8.97 -0.56
C LYS A 10 2.73 -8.98 0.33
N CYS A 11 3.21 -7.80 0.79
CA CYS A 11 4.33 -7.75 1.72
C CYS A 11 3.97 -7.32 3.14
N CYS A 12 2.68 -7.05 3.44
CA CYS A 12 2.31 -6.73 4.82
C CYS A 12 3.00 -5.48 5.35
N LEU A 13 2.95 -4.35 4.60
CA LEU A 13 3.56 -3.10 5.06
C LEU A 13 2.54 -1.99 4.97
N ASN A 14 2.53 -1.05 5.94
CA ASN A 14 1.49 -0.02 5.97
C ASN A 14 1.85 1.12 5.06
N ASN A 15 1.03 1.42 4.03
CA ASN A 15 1.41 2.41 3.01
C ASN A 15 0.47 3.58 3.15
N PHE A 16 0.85 4.82 2.74
CA PHE A 16 -0.09 5.92 2.87
C PHE A 16 -1.18 5.81 1.85
N ARG A 17 -2.32 6.50 2.08
CA ARG A 17 -3.39 6.51 1.10
C ARG A 17 -2.92 7.20 -0.16
N LYS A 18 -2.23 8.35 -0.02
CA LYS A 18 -1.78 9.08 -1.20
C LYS A 18 -1.11 8.15 -2.19
N ARG A 19 -0.38 7.12 -1.71
CA ARG A 19 0.29 6.20 -2.62
C ARG A 19 -0.72 5.20 -3.14
N LEU A 20 -1.01 5.16 -4.46
CA LEU A 20 -1.79 4.04 -4.99
C LEU A 20 -1.01 2.75 -4.96
N LYS A 21 0.33 2.75 -4.78
CA LYS A 21 1.11 1.53 -4.91
C LYS A 21 2.00 1.33 -3.72
N CYS A 22 2.45 0.10 -3.46
CA CYS A 22 3.16 -0.15 -2.21
C CYS A 22 4.50 0.52 -2.30
N PHE A 23 4.98 1.12 -1.19
CA PHE A 23 6.31 1.76 -1.18
C PHE A 23 7.32 0.85 -0.53
N ARG A 24 7.19 -0.47 -0.72
CA ARG A 24 8.17 -1.43 -0.23
C ARG A 24 8.37 -2.46 -1.33
N CYS A 25 7.33 -3.26 -1.69
CA CYS A 25 7.48 -4.19 -2.81
C CYS A 25 7.16 -3.58 -4.14
N GLY A 26 6.49 -2.40 -4.24
CA GLY A 26 6.17 -1.82 -5.55
C GLY A 26 4.83 -2.27 -6.08
N ALA A 27 4.38 -3.51 -5.80
CA ALA A 27 3.12 -3.96 -6.38
C ALA A 27 1.98 -3.03 -6.08
N ASP A 28 0.92 -3.05 -6.92
CA ASP A 28 -0.18 -2.10 -6.71
C ASP A 28 -1.09 -2.63 -5.62
N LYS A 29 -2.01 -1.78 -5.13
CA LYS A 29 -3.00 -2.25 -4.16
C LYS A 29 -3.76 -3.41 -4.73
N PHE A 30 -4.04 -3.43 -6.05
CA PHE A 30 -4.79 -4.53 -6.64
C PHE A 30 -3.88 -5.46 -7.41
N ASP A 31 -2.60 -5.60 -6.99
CA ASP A 31 -1.65 -6.47 -7.70
C ASP A 31 -1.25 -5.86 -9.05
N NH2 A 32 -2.19 -5.73 -10.01
HN1 NH2 A 32 -1.92 -5.34 -10.90
HN2 NH2 A 32 -3.13 -6.02 -9.88
C1 AQN B . 5.14 5.77 3.30
C2 AQN B . 5.12 5.64 4.69
C3 AQN B . 3.96 4.98 5.38
O3 AQN B . 2.97 4.67 4.73
C4 AQN B . 4.02 4.69 6.86
C5 AQN B . 2.97 4.02 7.46
C6 AQN B . 3.01 3.70 8.83
C7 AQN B . 4.10 4.12 9.59
C8 AQN B . 5.15 4.83 8.99
C9 AQN B . 5.10 5.12 7.63
C10 AQN B . 6.22 5.88 6.95
O10 AQN B . 7.15 6.30 7.63
C11 AQN B . 6.18 6.14 5.47
C12 AQN B . 7.19 6.87 4.82
C13 AQN B . 7.14 7.10 3.46
C14 AQN B . 6.12 6.56 2.68
S15 AQN B . 6.01 6.93 0.95
OS1 AQN B . 5.27 5.86 0.30
OS2 AQN B . 5.16 8.16 0.98
OS3 AQN B . 7.33 7.28 0.46
H1 AQN B . 4.38 5.28 2.70
H5 AQN B . 2.12 3.73 6.85
H6 AQN B . 2.21 3.14 9.29
H7 AQN B . 4.15 3.89 10.65
H8 AQN B . 5.98 5.17 9.60
H12 AQN B . 8.02 7.26 5.41
H13 AQN B . 7.91 7.70 2.98
ZN ZN C . 3.83 -4.29 -0.58
C ACE A 1 -3.67 12.29 8.63
O ACE A 1 -4.00 12.48 7.46
CH3 ACE A 1 -3.65 13.43 9.61
H1 ACE A 1 -2.65 13.55 10.03
H2 ACE A 1 -4.35 13.23 10.43
H3 ACE A 1 -3.96 14.34 9.10
N LYS A 2 -3.33 11.09 9.14
CA LYS A 2 -3.30 9.90 8.30
C LYS A 2 -4.69 9.30 8.32
N PHE A 3 -5.63 9.91 7.55
CA PHE A 3 -6.99 9.38 7.47
C PHE A 3 -7.18 8.80 6.09
N GLU A 4 -6.15 8.13 5.52
CA GLU A 4 -6.27 7.64 4.16
C GLU A 4 -5.14 6.66 3.91
N ASP A 5 -5.33 5.34 4.16
CA ASP A 5 -4.21 4.39 4.07
C ASP A 5 -4.70 2.99 3.77
N TRP A 6 -3.78 2.02 3.55
CA TRP A 6 -4.20 0.66 3.24
C TRP A 6 -3.10 -0.35 3.47
N LEU A 7 -3.43 -1.61 3.88
CA LEU A 7 -2.40 -2.63 4.05
C LEU A 7 -2.18 -3.33 2.74
N CYS A 8 -0.91 -3.56 2.35
CA CYS A 8 -0.64 -4.28 1.09
C CYS A 8 -1.01 -5.72 1.29
N ASN A 9 -1.29 -6.45 0.18
CA ASN A 9 -1.65 -7.86 0.29
C ASN A 9 -0.47 -8.66 -0.23
N LYS A 10 0.74 -8.24 0.20
CA LYS A 10 1.98 -8.79 -0.34
C LYS A 10 3.02 -8.65 0.76
N CYS A 11 3.30 -7.41 1.26
CA CYS A 11 4.16 -7.23 2.43
C CYS A 11 3.46 -6.69 3.66
N CYS A 12 2.11 -6.59 3.69
CA CYS A 12 1.42 -6.16 4.90
C CYS A 12 1.91 -4.85 5.48
N LEU A 13 2.32 -3.89 4.62
CA LEU A 13 2.81 -2.59 5.11
C LEU A 13 1.72 -1.57 4.87
N ASN A 14 1.52 -0.62 5.82
CA ASN A 14 0.46 0.37 5.65
C ASN A 14 0.94 1.52 4.79
N ASN A 15 0.36 1.75 3.58
CA ASN A 15 0.88 2.80 2.69
C ASN A 15 -0.17 3.87 2.50
N PHE A 16 0.21 5.10 2.07
CA PHE A 16 -0.80 6.14 1.91
C PHE A 16 -1.77 5.81 0.81
N ARG A 17 -3.03 6.28 0.93
CA ARG A 17 -4.01 6.06 -0.13
C ARG A 17 -3.59 6.78 -1.37
N LYS A 18 -3.10 8.02 -1.25
CA LYS A 18 -2.65 8.73 -2.44
C LYS A 18 -1.76 7.82 -3.23
N ARG A 19 -0.84 7.10 -2.55
CA ARG A 19 0.00 6.16 -3.30
C ARG A 19 -0.84 4.98 -3.72
N LEU A 20 -1.23 4.91 -5.02
CA LEU A 20 -1.84 3.69 -5.52
C LEU A 20 -0.89 2.52 -5.37
N LYS A 21 0.44 2.75 -5.47
CA LYS A 21 1.38 1.63 -5.43
C LYS A 21 1.97 1.46 -4.04
N CYS A 22 2.43 0.24 -3.69
CA CYS A 22 2.96 0.04 -2.35
C CYS A 22 4.31 0.72 -2.31
N PHE A 23 4.59 1.54 -1.28
CA PHE A 23 5.87 2.25 -1.27
C PHE A 23 7.02 1.40 -0.76
N ARG A 24 6.76 0.16 -0.27
CA ARG A 24 7.82 -0.67 0.28
C ARG A 24 8.14 -1.78 -0.68
N CYS A 25 7.18 -2.67 -1.06
CA CYS A 25 7.47 -3.70 -2.04
C CYS A 25 7.29 -3.20 -3.46
N GLY A 26 6.64 -2.04 -3.71
CA GLY A 26 6.40 -1.60 -5.08
C GLY A 26 5.08 -2.11 -5.59
N ALA A 27 4.79 -3.41 -5.42
CA ALA A 27 3.59 -4.00 -6.02
C ALA A 27 2.35 -3.21 -5.76
N ASP A 28 1.35 -3.26 -6.68
CA ASP A 28 0.16 -2.45 -6.52
C ASP A 28 -0.76 -3.04 -5.47
N LYS A 29 -1.84 -2.31 -5.11
CA LYS A 29 -2.81 -2.83 -4.14
C LYS A 29 -3.42 -4.10 -4.69
N PHE A 30 -3.64 -4.19 -6.03
CA PHE A 30 -4.32 -5.34 -6.62
C PHE A 30 -3.31 -6.16 -7.41
N ASP A 31 -2.10 -6.37 -6.87
CA ASP A 31 -1.11 -7.16 -7.60
C ASP A 31 -1.32 -8.62 -7.22
N NH2 A 32 -1.17 -9.57 -8.17
HN1 NH2 A 32 -1.31 -10.53 -7.94
HN2 NH2 A 32 -0.93 -9.33 -9.12
C1 AQN B . 4.60 6.37 2.97
C2 AQN B . 4.54 6.32 4.37
C3 AQN B . 3.37 5.66 5.07
O3 AQN B . 2.40 5.31 4.42
C4 AQN B . 3.39 5.46 6.57
C5 AQN B . 2.38 4.75 7.20
C6 AQN B . 2.44 4.52 8.58
C7 AQN B . 3.46 5.09 9.33
C8 AQN B . 4.47 5.83 8.70
C9 AQN B . 4.44 5.99 7.32
C10 AQN B . 5.55 6.75 6.63
O10 AQN B . 6.46 7.24 7.28
C11 AQN B . 5.56 6.89 5.12
C12 AQN B . 6.58 7.60 4.49
C13 AQN B . 6.57 7.75 3.10
C14 AQN B . 5.57 7.15 2.34
S15 AQN B . 5.49 7.42 0.58
OS1 AQN B . 4.67 6.39 -0.01
OS2 AQN B . 4.74 8.71 0.55
OS3 AQN B . 6.84 7.65 0.08
H1 AQN B . 3.88 5.81 2.37
H5 AQN B . 1.53 4.36 6.64
H6 AQN B . 1.71 3.89 9.06
H7 AQN B . 3.48 4.96 10.42
H8 AQN B . 5.25 6.27 9.30
H12 AQN B . 7.39 8.04 5.06
H13 AQN B . 7.35 8.34 2.61
ZN ZN C . 3.64 -4.01 -0.40
C ACE A 1 -12.50 6.42 2.49
O ACE A 1 -12.47 7.16 3.47
CH3 ACE A 1 -13.65 6.47 1.52
H1 ACE A 1 -14.15 5.50 1.48
H2 ACE A 1 -13.30 6.73 0.53
H3 ACE A 1 -14.36 7.23 1.86
N LYS A 2 -11.54 5.52 2.18
CA LYS A 2 -10.37 5.38 3.04
C LYS A 2 -9.41 6.50 2.70
N PHE A 3 -9.45 7.62 3.46
CA PHE A 3 -8.51 8.71 3.23
C PHE A 3 -7.35 8.56 4.18
N GLU A 4 -6.78 7.34 4.30
CA GLU A 4 -5.68 7.13 5.21
C GLU A 4 -4.80 6.02 4.68
N ASP A 5 -3.66 5.80 5.36
CA ASP A 5 -2.69 4.82 4.87
C ASP A 5 -3.34 3.47 4.71
N TRP A 6 -2.68 2.51 4.02
CA TRP A 6 -3.31 1.21 3.76
C TRP A 6 -2.33 0.08 3.91
N LEU A 7 -2.82 -1.14 4.23
CA LEU A 7 -1.92 -2.26 4.47
C LEU A 7 -1.76 -3.01 3.18
N CYS A 8 -0.52 -3.33 2.75
CA CYS A 8 -0.37 -4.03 1.48
C CYS A 8 -0.93 -5.41 1.63
N ASN A 9 -1.40 -6.04 0.52
CA ASN A 9 -1.92 -7.40 0.60
C ASN A 9 -0.88 -8.36 0.05
N LYS A 10 0.41 -8.02 0.23
CA LYS A 10 1.50 -8.80 -0.36
C LYS A 10 2.61 -8.88 0.67
N CYS A 11 3.17 -7.74 1.13
CA CYS A 11 4.13 -7.74 2.22
C CYS A 11 3.58 -7.14 3.51
N CYS A 12 2.27 -6.85 3.62
CA CYS A 12 1.70 -6.40 4.90
C CYS A 12 2.30 -5.14 5.48
N LEU A 13 2.96 -4.28 4.68
CA LEU A 13 3.57 -3.06 5.21
C LEU A 13 2.60 -1.90 5.01
N ASN A 14 2.36 -1.07 6.06
CA ASN A 14 1.50 0.10 5.91
C ASN A 14 2.10 1.17 5.03
N ASN A 15 1.41 1.64 3.96
CA ASN A 15 1.96 2.67 3.06
C ASN A 15 1.07 3.88 3.04
N PHE A 16 1.63 5.10 2.83
CA PHE A 16 0.77 6.29 2.87
C PHE A 16 -0.37 6.22 1.89
N ARG A 17 -1.40 7.06 2.10
CA ARG A 17 -2.55 7.03 1.21
C ARG A 17 -2.16 7.59 -0.13
N LYS A 18 -1.47 8.74 -0.13
CA LYS A 18 -0.99 9.32 -1.39
C LYS A 18 -0.26 8.28 -2.19
N ARG A 19 0.55 7.43 -1.52
CA ARG A 19 1.24 6.39 -2.26
C ARG A 19 0.21 5.46 -2.84
N LEU A 20 -0.01 5.53 -4.18
CA LEU A 20 -0.89 4.58 -4.83
C LEU A 20 -0.26 3.20 -4.86
N LYS A 21 1.10 3.08 -4.82
CA LYS A 21 1.72 1.76 -4.80
C LYS A 21 2.46 1.52 -3.51
N CYS A 22 2.80 0.25 -3.22
CA CYS A 22 3.46 -0.04 -1.96
C CYS A 22 4.87 0.52 -2.03
N PHE A 23 5.51 0.80 -0.87
CA PHE A 23 6.86 1.32 -0.85
C PHE A 23 7.80 0.24 -0.39
N ARG A 24 7.64 -0.96 -1.01
CA ARG A 24 8.49 -2.11 -0.73
C ARG A 24 8.42 -3.02 -1.94
N CYS A 25 7.24 -3.58 -2.25
CA CYS A 25 7.09 -4.45 -3.42
C CYS A 25 6.41 -3.77 -4.60
N GLY A 26 6.09 -2.45 -4.55
CA GLY A 26 5.47 -1.80 -5.70
C GLY A 26 4.13 -2.36 -6.09
N ALA A 27 3.47 -3.21 -5.28
CA ALA A 27 2.16 -3.72 -5.67
C ALA A 27 1.16 -2.60 -5.51
N ASP A 28 0.14 -2.50 -6.40
CA ASP A 28 -0.83 -1.44 -6.26
C ASP A 28 -1.85 -1.86 -5.23
N LYS A 29 -2.69 -0.93 -4.72
CA LYS A 29 -3.80 -1.34 -3.85
C LYS A 29 -4.51 -2.54 -4.42
N PHE A 30 -4.75 -2.59 -5.75
CA PHE A 30 -5.43 -3.74 -6.34
C PHE A 30 -4.44 -4.73 -6.92
N ASP A 31 -3.28 -4.92 -6.24
CA ASP A 31 -2.25 -5.83 -6.76
C ASP A 31 -1.55 -5.26 -7.98
N NH2 A 32 -2.26 -5.04 -9.12
HN1 NH2 A 32 -1.81 -4.66 -9.92
HN2 NH2 A 32 -3.23 -5.26 -9.17
C1 AQN B . 6.22 5.75 3.40
C2 AQN B . 6.25 5.73 4.80
C3 AQN B . 5.06 5.17 5.56
O3 AQN B . 4.06 4.80 4.96
C4 AQN B . 5.12 5.11 7.07
C5 AQN B . 4.01 4.64 7.78
C6 AQN B . 4.09 4.45 9.16
C7 AQN B . 5.26 4.80 9.84
C8 AQN B . 6.34 5.35 9.14
C9 AQN B . 6.27 5.50 7.76
C10 AQN B . 7.42 6.11 6.98
O10 AQN B . 8.41 6.51 7.59
C11 AQN B . 7.36 6.22 5.48
C12 AQN B . 8.40 6.82 4.77
C13 AQN B . 8.33 6.92 3.37
C14 AQN B . 7.24 6.39 2.69
S15 AQN B . 7.10 6.58 0.93
OS1 AQN B . 8.42 6.77 0.37
OS2 AQN B . 6.24 5.55 0.43
OS3 AQN B . 6.37 7.89 0.88
H1 AQN B . 5.41 5.27 2.86
H5 AQN B . 3.10 4.43 7.24
H6 AQN B . 3.25 4.04 9.70
H7 AQN B . 5.32 4.65 10.91
H8 AQN B . 7.22 5.65 9.69
H12 AQN B . 9.27 7.20 5.29
H13 AQN B . 9.13 7.42 2.83
ZN ZN C . 3.88 -4.39 -0.41
#